data_3ANP
#
_entry.id   3ANP
#
_cell.length_a   98.907
_cell.length_b   104.529
_cell.length_c   108.179
_cell.angle_alpha   90.000
_cell.angle_beta   90.000
_cell.angle_gamma   90.000
#
_symmetry.space_group_name_H-M   'P 21 21 21'
#
loop_
_entity.id
_entity.type
_entity.pdbx_description
1 polymer 'Transcriptional repressor, TetR family'
2 non-polymer DODECYL-COA
3 non-polymer 'LAURIC ACID'
4 water water
#
_entity_poly.entity_id   1
_entity_poly.type   'polypeptide(L)'
_entity_poly.pdbx_seq_one_letter_code
;AVREYQKKRRRERIFRAA(MSE)ELFRNRGFQETTATEIAKAAHVSRGTFFNYYPYKEAVLLDYGSQLLAGLREEVRRLL
AQGREPVEVLRHLFRVLAEGTAREKDLLLP(MSE)FYELLNPDPVRARAAFEALPLGDLIAEILKPLREQGVLRQDFSLE
R(MSE)GRTLADLYFLSALRWAAYTPGRDLAEELEKNLRLLLEG(MSE)LVREAPAPGGL
;
_entity_poly.pdbx_strand_id   C,D,A,B
#
# COMPACT_ATOMS: atom_id res chain seq x y z
N VAL A 2 35.76 -33.50 44.06
CA VAL A 2 36.00 -32.14 44.63
C VAL A 2 36.74 -31.20 43.67
N ARG A 3 37.62 -31.76 42.85
CA ARG A 3 38.39 -30.93 41.92
C ARG A 3 37.48 -30.24 40.89
N GLU A 4 36.43 -30.94 40.47
CA GLU A 4 35.49 -30.39 39.49
C GLU A 4 34.83 -29.13 40.07
N TYR A 5 34.30 -29.24 41.29
CA TYR A 5 33.66 -28.11 41.95
C TYR A 5 34.68 -26.97 42.11
N GLN A 6 35.89 -27.30 42.54
CA GLN A 6 36.91 -26.28 42.72
C GLN A 6 37.24 -25.54 41.42
N LYS A 7 37.24 -26.27 40.30
CA LYS A 7 37.54 -25.65 39.01
C LYS A 7 36.38 -24.77 38.55
N LYS A 8 35.16 -25.23 38.78
CA LYS A 8 34.00 -24.43 38.41
C LYS A 8 33.96 -23.17 39.26
N ARG A 9 34.35 -23.29 40.53
CA ARG A 9 34.37 -22.12 41.40
C ARG A 9 35.46 -21.18 40.93
N ARG A 10 36.61 -21.74 40.57
CA ARG A 10 37.69 -20.89 40.09
C ARG A 10 37.31 -20.16 38.81
N ARG A 11 36.64 -20.86 37.88
CA ARG A 11 36.23 -20.20 36.64
C ARG A 11 35.25 -19.07 36.93
N GLU A 12 34.30 -19.32 37.83
CA GLU A 12 33.31 -18.28 38.13
C GLU A 12 33.95 -17.07 38.82
N ARG A 13 34.94 -17.29 39.66
CA ARG A 13 35.59 -16.17 40.35
C ARG A 13 36.37 -15.33 39.34
N ILE A 14 37.07 -15.98 38.41
CA ILE A 14 37.82 -15.27 37.40
C ILE A 14 36.80 -14.47 36.55
N PHE A 15 35.71 -15.12 36.16
CA PHE A 15 34.68 -14.46 35.39
C PHE A 15 34.16 -13.20 36.10
N ARG A 16 33.79 -13.36 37.37
CA ARG A 16 33.29 -12.23 38.13
C ARG A 16 34.30 -11.12 38.22
N ALA A 17 35.55 -11.48 38.50
CA ALA A 17 36.62 -10.51 38.62
C ALA A 17 36.79 -9.71 37.32
N ALA A 18 36.78 -10.40 36.19
CA ALA A 18 36.92 -9.73 34.90
C ALA A 18 35.76 -8.80 34.57
N GLU A 20 33.67 -7.23 36.59
CA GLU A 20 33.72 -6.03 37.42
C GLU A 20 34.75 -5.03 36.88
N LEU A 21 35.95 -5.52 36.54
CA LEU A 21 36.99 -4.65 35.98
C LEU A 21 36.52 -4.07 34.64
N PHE A 22 35.94 -4.91 33.79
CA PHE A 22 35.46 -4.43 32.49
C PHE A 22 34.42 -3.32 32.68
N ARG A 23 33.51 -3.56 33.62
CA ARG A 23 32.46 -2.58 33.90
C ARG A 23 33.01 -1.28 34.46
N ASN A 24 33.87 -1.38 35.46
CA ASN A 24 34.43 -0.19 36.12
C ASN A 24 35.54 0.54 35.38
N ARG A 25 36.32 -0.18 34.57
CA ARG A 25 37.45 0.46 33.90
C ARG A 25 37.49 0.34 32.38
N GLY A 26 36.59 -0.46 31.82
CA GLY A 26 36.57 -0.61 30.38
C GLY A 26 37.16 -1.94 29.96
N PHE A 27 36.60 -2.54 28.92
CA PHE A 27 37.06 -3.83 28.42
C PHE A 27 38.47 -3.78 27.86
N GLN A 28 38.67 -2.90 26.89
CA GLN A 28 39.96 -2.73 26.23
C GLN A 28 41.07 -2.33 27.19
N GLU A 29 40.74 -1.48 28.17
CA GLU A 29 41.72 -0.98 29.13
C GLU A 29 42.16 -1.98 30.20
N THR A 30 41.35 -3.00 30.42
CA THR A 30 41.65 -4.01 31.43
C THR A 30 42.53 -5.14 30.86
N THR A 31 43.61 -5.49 31.56
CA THR A 31 44.50 -6.53 31.08
C THR A 31 44.36 -7.88 31.80
N ALA A 32 44.91 -8.91 31.18
CA ALA A 32 44.87 -10.25 31.75
C ALA A 32 45.56 -10.27 33.13
N THR A 33 46.61 -9.46 33.27
CA THR A 33 47.33 -9.41 34.54
C THR A 33 46.47 -8.79 35.66
N GLU A 34 45.68 -7.76 35.34
CA GLU A 34 44.80 -7.14 36.33
C GLU A 34 43.72 -8.10 36.74
N ILE A 35 43.14 -8.81 35.76
CA ILE A 35 42.10 -9.78 36.04
C ILE A 35 42.64 -10.88 36.95
N ALA A 36 43.82 -11.41 36.61
CA ALA A 36 44.45 -12.47 37.40
C ALA A 36 44.65 -12.01 38.84
N LYS A 37 45.21 -10.81 39.00
CA LYS A 37 45.46 -10.27 40.33
C LYS A 37 44.15 -10.14 41.11
N ALA A 38 43.11 -9.62 40.45
CA ALA A 38 41.82 -9.46 41.12
C ALA A 38 41.17 -10.79 41.52
N ALA A 39 41.42 -11.84 40.73
CA ALA A 39 40.85 -13.16 41.01
C ALA A 39 41.81 -14.06 41.81
N HIS A 40 42.95 -13.49 42.16
CA HIS A 40 44.00 -14.18 42.90
C HIS A 40 44.48 -15.47 42.22
N VAL A 41 44.83 -15.37 40.95
CA VAL A 41 45.36 -16.51 40.20
C VAL A 41 46.53 -15.94 39.39
N SER A 42 47.33 -16.80 38.77
CA SER A 42 48.44 -16.28 37.96
C SER A 42 47.92 -15.88 36.59
N ARG A 43 48.71 -15.09 35.87
CA ARG A 43 48.33 -14.66 34.53
C ARG A 43 48.17 -15.92 33.67
N GLY A 44 49.05 -16.89 33.90
CA GLY A 44 48.98 -18.13 33.16
C GLY A 44 47.67 -18.89 33.40
N THR A 45 47.19 -18.86 34.64
CA THR A 45 45.95 -19.55 34.99
C THR A 45 44.75 -18.85 34.36
N PHE A 46 44.78 -17.53 34.30
CA PHE A 46 43.69 -16.79 33.67
C PHE A 46 43.55 -17.28 32.22
N PHE A 47 44.66 -17.40 31.50
CA PHE A 47 44.58 -17.84 30.11
C PHE A 47 44.16 -19.29 29.95
N ASN A 48 44.39 -20.10 30.97
CA ASN A 48 43.97 -21.49 30.90
C ASN A 48 42.46 -21.55 30.91
N TYR A 49 41.83 -20.62 31.62
CA TYR A 49 40.37 -20.59 31.69
C TYR A 49 39.72 -19.80 30.56
N TYR A 50 40.37 -18.69 30.17
CA TYR A 50 39.91 -17.79 29.10
C TYR A 50 41.14 -17.46 28.24
N PRO A 51 41.32 -18.18 27.12
CA PRO A 51 42.44 -18.01 26.18
C PRO A 51 42.61 -16.60 25.62
N TYR A 52 41.54 -15.84 25.60
CA TYR A 52 41.59 -14.45 25.14
C TYR A 52 40.50 -13.71 25.89
N LYS A 53 40.69 -12.41 26.12
CA LYS A 53 39.73 -11.60 26.89
C LYS A 53 38.27 -11.67 26.42
N GLU A 54 38.07 -11.77 25.10
CA GLU A 54 36.72 -11.82 24.56
C GLU A 54 35.95 -13.08 24.97
N ALA A 55 36.68 -14.14 25.31
CA ALA A 55 36.03 -15.37 25.72
C ALA A 55 35.21 -15.08 26.99
N VAL A 56 35.64 -14.11 27.79
CA VAL A 56 34.88 -13.76 28.99
C VAL A 56 33.54 -13.16 28.54
N LEU A 57 33.60 -12.22 27.60
CA LEU A 57 32.38 -11.57 27.11
C LEU A 57 31.43 -12.59 26.47
N LEU A 58 31.98 -13.59 25.78
CA LEU A 58 31.12 -14.60 25.16
C LEU A 58 30.37 -15.35 26.24
N ASP A 59 31.03 -15.64 27.35
CA ASP A 59 30.36 -16.34 28.45
C ASP A 59 29.17 -15.50 28.93
N TYR A 60 29.37 -14.19 29.05
CA TYR A 60 28.29 -13.29 29.48
C TYR A 60 27.17 -13.30 28.46
N GLY A 61 27.53 -13.16 27.19
CA GLY A 61 26.53 -13.18 26.14
C GLY A 61 25.71 -14.46 26.15
N SER A 62 26.36 -15.60 26.38
CA SER A 62 25.65 -16.87 26.44
C SER A 62 24.66 -16.88 27.60
N GLN A 63 25.07 -16.29 28.72
CA GLN A 63 24.19 -16.19 29.90
C GLN A 63 22.98 -15.33 29.53
N LEU A 64 23.24 -14.19 28.90
CA LEU A 64 22.13 -13.31 28.52
C LEU A 64 21.17 -14.04 27.58
N LEU A 65 21.71 -14.71 26.57
CA LEU A 65 20.87 -15.42 25.63
C LEU A 65 20.07 -16.55 26.32
N ALA A 66 20.70 -17.24 27.28
CA ALA A 66 20.00 -18.32 27.98
C ALA A 66 18.80 -17.77 28.74
N GLY A 67 18.96 -16.58 29.31
CA GLY A 67 17.84 -15.96 30.02
C GLY A 67 16.73 -15.64 29.03
N LEU A 68 17.12 -15.11 27.88
CA LEU A 68 16.15 -14.79 26.84
C LEU A 68 15.43 -16.06 26.34
N ARG A 69 16.16 -17.19 26.30
CA ARG A 69 15.57 -18.45 25.86
C ARG A 69 14.48 -18.89 26.85
N GLU A 70 14.76 -18.77 28.15
CA GLU A 70 13.78 -19.14 29.17
C GLU A 70 12.54 -18.29 29.04
N GLU A 71 12.77 -16.99 28.83
CA GLU A 71 11.70 -16.02 28.72
C GLU A 71 10.81 -16.34 27.51
N VAL A 72 11.43 -16.63 26.38
CA VAL A 72 10.70 -16.95 25.16
C VAL A 72 9.87 -18.22 25.33
N ARG A 73 10.49 -19.26 25.88
CA ARG A 73 9.77 -20.53 26.06
C ARG A 73 8.63 -20.36 27.04
N ARG A 74 8.86 -19.54 28.07
CA ARG A 74 7.84 -19.26 29.07
C ARG A 74 6.64 -18.59 28.43
N LEU A 75 6.90 -17.58 27.59
CA LEU A 75 5.82 -16.85 26.94
C LEU A 75 5.00 -17.73 26.00
N LEU A 76 5.67 -18.57 25.22
CA LEU A 76 4.96 -19.44 24.30
C LEU A 76 4.09 -20.40 25.11
N ALA A 77 4.66 -21.00 26.14
CA ALA A 77 3.92 -21.93 26.99
C ALA A 77 2.70 -21.26 27.63
N GLN A 78 2.80 -19.97 27.91
CA GLN A 78 1.69 -19.24 28.51
C GLN A 78 0.57 -19.00 27.48
N GLY A 79 0.88 -19.27 26.21
CA GLY A 79 -0.11 -19.08 25.16
C GLY A 79 -0.02 -17.75 24.42
N ARG A 80 1.14 -17.10 24.48
CA ARG A 80 1.28 -15.83 23.78
C ARG A 80 1.44 -16.11 22.28
N GLU A 81 0.90 -15.21 21.45
CA GLU A 81 1.02 -15.37 20.01
C GLU A 81 2.49 -15.31 19.63
N PRO A 82 2.94 -16.22 18.75
CA PRO A 82 4.34 -16.24 18.31
C PRO A 82 4.82 -14.89 17.77
N VAL A 83 3.99 -14.22 16.99
CA VAL A 83 4.45 -12.93 16.46
C VAL A 83 4.66 -11.93 17.57
N GLU A 84 3.80 -11.95 18.58
CA GLU A 84 3.97 -11.02 19.71
C GLU A 84 5.20 -11.42 20.53
N VAL A 85 5.51 -12.71 20.56
CA VAL A 85 6.69 -13.13 21.31
C VAL A 85 7.93 -12.63 20.56
N LEU A 86 7.86 -12.66 19.24
CA LEU A 86 8.96 -12.16 18.40
C LEU A 86 9.19 -10.67 18.64
N ARG A 87 8.10 -9.89 18.58
CA ARG A 87 8.19 -8.45 18.81
C ARG A 87 8.77 -8.17 20.19
N HIS A 88 8.32 -8.95 21.18
CA HIS A 88 8.80 -8.80 22.55
C HIS A 88 10.30 -9.07 22.63
N LEU A 89 10.73 -10.17 22.02
CA LEU A 89 12.13 -10.54 22.05
C LEU A 89 13.03 -9.43 21.54
N PHE A 90 12.65 -8.82 20.42
CA PHE A 90 13.48 -7.77 19.86
C PHE A 90 13.43 -6.51 20.67
N ARG A 91 12.28 -6.26 21.29
CA ARG A 91 12.13 -5.09 22.15
C ARG A 91 13.12 -5.25 23.32
N VAL A 92 13.10 -6.42 23.97
CA VAL A 92 13.99 -6.66 25.09
C VAL A 92 15.45 -6.71 24.64
N LEU A 93 15.67 -7.23 23.44
CA LEU A 93 17.03 -7.29 22.90
C LEU A 93 17.56 -5.86 22.74
N ALA A 94 16.73 -4.98 22.20
CA ALA A 94 17.14 -3.60 21.98
C ALA A 94 17.42 -2.93 23.31
N GLU A 95 16.53 -3.13 24.28
CA GLU A 95 16.70 -2.54 25.58
C GLU A 95 17.95 -3.07 26.27
N GLY A 96 18.12 -4.40 26.25
CA GLY A 96 19.28 -4.99 26.89
C GLY A 96 20.58 -4.61 26.20
N THR A 97 20.55 -4.52 24.88
CA THR A 97 21.76 -4.16 24.14
C THR A 97 22.20 -2.76 24.51
N ALA A 98 21.24 -1.85 24.67
CA ALA A 98 21.55 -0.47 25.03
C ALA A 98 22.11 -0.41 26.45
N ARG A 99 21.54 -1.20 27.35
CA ARG A 99 22.01 -1.20 28.75
C ARG A 99 23.47 -1.67 28.84
N GLU A 100 23.80 -2.69 28.06
CA GLU A 100 25.14 -3.29 28.10
C GLU A 100 26.02 -2.97 26.90
N LYS A 101 25.74 -1.85 26.24
CA LYS A 101 26.49 -1.43 25.06
C LYS A 101 28.01 -1.53 25.12
N ASP A 102 28.63 -0.98 26.16
CA ASP A 102 30.09 -1.00 26.27
C ASP A 102 30.71 -2.40 26.38
N LEU A 103 29.97 -3.34 26.95
CA LEU A 103 30.46 -4.72 27.08
C LEU A 103 30.13 -5.52 25.80
N LEU A 104 28.95 -5.30 25.25
CA LEU A 104 28.56 -6.06 24.07
C LEU A 104 29.28 -5.64 22.79
N LEU A 105 29.70 -4.39 22.68
CA LEU A 105 30.35 -3.98 21.43
C LEU A 105 31.61 -4.83 21.12
N PRO A 106 32.59 -4.90 22.06
CA PRO A 106 33.76 -5.72 21.73
C PRO A 106 33.38 -7.18 21.52
N PHE A 108 30.58 -8.18 19.99
CA PHE A 108 30.07 -8.26 18.62
C PHE A 108 31.21 -8.37 17.59
N TYR A 109 32.30 -7.67 17.81
CA TYR A 109 33.42 -7.73 16.86
C TYR A 109 34.01 -9.13 16.78
N GLU A 110 33.89 -9.89 17.87
CA GLU A 110 34.44 -11.25 17.91
C GLU A 110 33.74 -12.14 16.88
N LEU A 111 32.48 -11.84 16.54
CA LEU A 111 31.77 -12.61 15.53
C LEU A 111 32.36 -12.32 14.15
N LEU A 112 33.22 -11.30 14.07
CA LEU A 112 33.83 -10.92 12.81
C LEU A 112 35.35 -11.18 12.86
N ASN A 113 35.80 -11.93 13.85
CA ASN A 113 37.23 -12.21 13.98
C ASN A 113 37.76 -12.88 12.69
N PRO A 114 38.85 -12.35 12.13
CA PRO A 114 39.41 -12.96 10.90
C PRO A 114 39.71 -14.44 11.11
N ASP A 115 40.11 -14.79 12.33
CA ASP A 115 40.39 -16.19 12.63
C ASP A 115 39.04 -16.94 12.68
N PRO A 116 38.82 -17.89 11.75
CA PRO A 116 37.58 -18.67 11.67
C PRO A 116 37.26 -19.53 12.89
N VAL A 117 38.28 -20.01 13.60
CA VAL A 117 38.02 -20.83 14.78
C VAL A 117 37.35 -19.95 15.85
N ARG A 118 37.83 -18.72 15.98
CA ARG A 118 37.26 -17.81 16.97
C ARG A 118 35.90 -17.28 16.54
N ALA A 119 35.72 -17.03 15.24
CA ALA A 119 34.42 -16.53 14.76
C ALA A 119 33.39 -17.62 15.01
N ARG A 120 33.77 -18.87 14.73
CA ARG A 120 32.88 -20.00 14.94
C ARG A 120 32.54 -20.16 16.42
N ALA A 121 33.54 -19.97 17.26
CA ALA A 121 33.33 -20.07 18.70
C ALA A 121 32.31 -19.01 19.16
N ALA A 122 32.45 -17.80 18.64
CA ALA A 122 31.54 -16.72 19.03
C ALA A 122 30.13 -17.08 18.56
N PHE A 123 30.03 -17.55 17.33
CA PHE A 123 28.75 -17.92 16.77
C PHE A 123 28.04 -19.00 17.60
N GLU A 124 28.79 -20.02 18.02
CA GLU A 124 28.19 -21.10 18.79
C GLU A 124 27.80 -20.69 20.20
N ALA A 125 28.49 -19.69 20.74
CA ALA A 125 28.17 -19.22 22.09
C ALA A 125 26.96 -18.29 22.09
N LEU A 126 26.57 -17.80 20.93
CA LEU A 126 25.45 -16.85 20.84
C LEU A 126 24.43 -17.25 19.75
N PRO A 127 23.88 -18.46 19.84
CA PRO A 127 22.91 -18.95 18.85
C PRO A 127 21.51 -18.32 18.88
N LEU A 128 21.43 -17.04 18.59
CA LEU A 128 20.15 -16.33 18.57
C LEU A 128 19.28 -16.85 17.43
N GLY A 129 19.90 -17.18 16.29
CA GLY A 129 19.15 -17.68 15.16
C GLY A 129 18.26 -18.86 15.51
N ASP A 130 18.81 -19.81 16.28
CA ASP A 130 18.06 -20.99 16.69
C ASP A 130 16.93 -20.65 17.67
N LEU A 131 17.14 -19.67 18.55
CA LEU A 131 16.06 -19.26 19.47
C LEU A 131 14.90 -18.68 18.62
N ILE A 132 15.24 -17.86 17.64
CA ILE A 132 14.19 -17.28 16.79
C ILE A 132 13.44 -18.41 16.06
N ALA A 133 14.18 -19.42 15.60
CA ALA A 133 13.55 -20.54 14.91
C ALA A 133 12.51 -21.22 15.79
N GLU A 134 12.74 -21.25 17.10
CA GLU A 134 11.76 -21.88 18.01
C GLU A 134 10.45 -21.11 18.01
N ILE A 135 10.52 -19.79 17.83
CA ILE A 135 9.30 -18.99 17.81
C ILE A 135 8.58 -19.16 16.46
N LEU A 136 9.36 -19.31 15.39
CA LEU A 136 8.78 -19.49 14.06
C LEU A 136 8.08 -20.84 13.93
N LYS A 137 8.58 -21.85 14.65
CA LYS A 137 8.02 -23.20 14.58
C LYS A 137 6.48 -23.27 14.66
N PRO A 138 5.89 -22.71 15.73
CA PRO A 138 4.43 -22.72 15.91
C PRO A 138 3.74 -22.05 14.71
N LEU A 139 4.38 -21.05 14.11
CA LEU A 139 3.81 -20.39 12.95
C LEU A 139 3.78 -21.34 11.78
N ARG A 140 4.84 -22.13 11.61
CA ARG A 140 4.88 -23.08 10.50
C ARG A 140 3.80 -24.13 10.68
N GLU A 141 3.60 -24.60 11.91
CA GLU A 141 2.59 -25.62 12.20
C GLU A 141 1.20 -25.02 12.02
N GLN A 142 1.10 -23.71 12.19
CA GLN A 142 -0.17 -23.01 12.05
C GLN A 142 -0.51 -22.81 10.56
N GLY A 143 0.47 -23.06 9.70
CA GLY A 143 0.25 -22.92 8.27
C GLY A 143 0.41 -21.51 7.70
N VAL A 144 0.91 -20.58 8.50
CA VAL A 144 1.09 -19.21 8.02
C VAL A 144 2.53 -18.84 7.69
N LEU A 145 3.46 -19.79 7.85
CA LEU A 145 4.87 -19.53 7.55
C LEU A 145 5.28 -20.34 6.32
N ARG A 146 6.06 -19.72 5.43
CA ARG A 146 6.50 -20.44 4.23
C ARG A 146 7.35 -21.65 4.62
N GLN A 147 7.36 -22.67 3.76
CA GLN A 147 8.12 -23.88 4.04
C GLN A 147 9.18 -24.20 3.02
N ASP A 148 9.48 -23.26 2.14
CA ASP A 148 10.52 -23.48 1.13
C ASP A 148 11.92 -23.15 1.67
N PHE A 149 11.97 -22.72 2.94
CA PHE A 149 13.23 -22.41 3.63
C PHE A 149 13.11 -23.00 5.04
N SER A 150 14.20 -23.49 5.61
CA SER A 150 14.12 -24.09 6.94
C SER A 150 13.91 -23.03 8.01
N LEU A 151 13.40 -23.45 9.16
CA LEU A 151 13.18 -22.54 10.27
C LEU A 151 14.51 -21.96 10.71
N GLU A 152 15.53 -22.81 10.73
CA GLU A 152 16.85 -22.40 11.15
C GLU A 152 17.47 -21.36 10.22
N ARG A 153 17.23 -21.51 8.93
CA ARG A 153 17.81 -20.56 7.98
C ARG A 153 17.13 -19.18 8.08
N GLY A 155 15.59 -18.11 10.77
CA GLY A 155 15.97 -17.63 12.10
C GLY A 155 17.37 -17.03 12.03
N ARG A 156 18.27 -17.70 11.32
CA ARG A 156 19.65 -17.20 11.18
C ARG A 156 19.66 -15.83 10.52
N THR A 157 18.85 -15.67 9.49
CA THR A 157 18.77 -14.41 8.76
C THR A 157 18.30 -13.26 9.66
N LEU A 158 17.27 -13.50 10.44
CA LEU A 158 16.77 -12.45 11.31
C LEU A 158 17.81 -12.13 12.37
N ALA A 159 18.48 -13.15 12.91
CA ALA A 159 19.53 -12.90 13.91
C ALA A 159 20.70 -12.14 13.30
N ASP A 160 21.02 -12.40 12.03
CA ASP A 160 22.12 -11.70 11.39
C ASP A 160 21.79 -10.20 11.29
N LEU A 161 20.54 -9.90 10.99
CA LEU A 161 20.09 -8.51 10.88
C LEU A 161 20.17 -7.84 12.25
N TYR A 162 19.76 -8.55 13.31
CA TYR A 162 19.84 -7.98 14.65
C TYR A 162 21.30 -7.62 14.91
N PHE A 163 22.19 -8.55 14.59
CA PHE A 163 23.62 -8.35 14.80
C PHE A 163 24.16 -7.09 14.10
N LEU A 164 23.91 -6.94 12.80
CA LEU A 164 24.43 -5.79 12.09
C LEU A 164 23.82 -4.49 12.59
N SER A 165 22.51 -4.51 12.88
CA SER A 165 21.86 -3.30 13.39
C SER A 165 22.40 -2.89 14.76
N ALA A 166 22.59 -3.88 15.65
CA ALA A 166 23.07 -3.62 17.00
C ALA A 166 24.51 -3.14 17.00
N LEU A 167 25.33 -3.75 16.16
CA LEU A 167 26.73 -3.38 16.04
C LEU A 167 26.87 -1.95 15.51
N ARG A 168 26.15 -1.63 14.45
CA ARG A 168 26.24 -0.28 13.89
C ARG A 168 25.66 0.74 14.85
N TRP A 169 24.61 0.35 15.54
CA TRP A 169 23.99 1.26 16.52
C TRP A 169 25.01 1.59 17.61
N ALA A 170 25.60 0.56 18.18
CA ALA A 170 26.56 0.72 19.28
C ALA A 170 27.86 1.39 18.87
N ALA A 171 28.34 1.08 17.68
CA ALA A 171 29.60 1.65 17.21
C ALA A 171 29.52 3.02 16.55
N TYR A 172 28.39 3.32 15.90
CA TYR A 172 28.28 4.58 15.17
C TYR A 172 27.12 5.52 15.48
N THR A 173 25.96 4.97 15.86
CA THR A 173 24.79 5.82 16.08
C THR A 173 24.03 5.48 17.34
N PRO A 174 24.68 5.53 18.50
CA PRO A 174 23.99 5.20 19.74
C PRO A 174 22.83 6.13 20.11
N GLY A 175 22.77 7.29 19.47
CA GLY A 175 21.72 8.24 19.76
C GLY A 175 20.39 7.87 19.11
N ARG A 176 20.43 6.93 18.16
CA ARG A 176 19.22 6.51 17.48
C ARG A 176 18.41 5.50 18.29
N ASP A 177 17.18 5.25 17.86
CA ASP A 177 16.26 4.34 18.53
C ASP A 177 16.49 2.89 18.05
N LEU A 178 17.27 2.12 18.79
CA LEU A 178 17.53 0.74 18.38
C LEU A 178 16.26 -0.12 18.37
N ALA A 179 15.36 0.10 19.33
CA ALA A 179 14.13 -0.68 19.37
C ALA A 179 13.35 -0.52 18.04
N GLU A 180 13.28 0.71 17.55
CA GLU A 180 12.58 1.01 16.29
C GLU A 180 13.27 0.31 15.11
N GLU A 181 14.60 0.29 15.15
CA GLU A 181 15.38 -0.35 14.10
C GLU A 181 15.15 -1.86 14.08
N LEU A 182 15.12 -2.49 15.25
CA LEU A 182 14.91 -3.94 15.27
C LEU A 182 13.50 -4.29 14.86
N GLU A 183 12.53 -3.44 15.21
CA GLU A 183 11.15 -3.66 14.85
C GLU A 183 11.04 -3.60 13.32
N LYS A 184 11.82 -2.71 12.70
CA LYS A 184 11.84 -2.57 11.24
C LYS A 184 12.37 -3.86 10.61
N ASN A 185 13.45 -4.40 11.17
CA ASN A 185 14.02 -5.66 10.65
C ASN A 185 13.00 -6.78 10.73
N LEU A 186 12.34 -6.86 11.88
CA LEU A 186 11.35 -7.88 12.10
C LEU A 186 10.18 -7.79 11.11
N ARG A 187 9.58 -6.61 11.01
CA ARG A 187 8.45 -6.40 10.10
C ARG A 187 8.85 -6.71 8.65
N LEU A 188 9.99 -6.19 8.22
CA LEU A 188 10.42 -6.43 6.85
C LEU A 188 10.64 -7.90 6.54
N LEU A 189 11.38 -8.61 7.40
CA LEU A 189 11.61 -10.02 7.11
C LEU A 189 10.38 -10.88 7.33
N LEU A 190 9.61 -10.58 8.37
CA LEU A 190 8.41 -11.37 8.63
C LEU A 190 7.31 -11.15 7.59
N GLU A 191 6.98 -9.88 7.32
CA GLU A 191 5.91 -9.56 6.37
C GLU A 191 6.37 -9.32 4.94
N GLY A 192 7.59 -8.83 4.77
CA GLY A 192 8.10 -8.53 3.45
C GLY A 192 7.79 -7.09 3.06
N LEU A 194 6.44 -6.26 0.15
CA LEU A 194 5.18 -6.29 -0.61
C LEU A 194 3.98 -6.14 0.30
N VAL A 195 2.99 -5.36 -0.13
CA VAL A 195 1.81 -5.15 0.69
C VAL A 195 1.03 -6.43 0.94
N ARG A 196 0.31 -6.44 2.05
CA ARG A 196 -0.51 -7.58 2.45
C ARG A 196 -1.97 -7.19 2.58
N GLU A 197 -2.83 -8.20 2.65
CA GLU A 197 -4.26 -7.99 2.77
C GLU A 197 -4.69 -7.41 4.12
N ALA A 198 -5.43 -6.31 4.10
CA ALA A 198 -5.94 -5.71 5.33
C ALA A 198 -7.24 -6.46 5.61
N PRO A 199 -7.41 -7.02 6.82
CA PRO A 199 -8.66 -7.74 7.07
C PRO A 199 -9.87 -6.82 7.15
N ALA A 200 -11.05 -7.42 6.99
CA ALA A 200 -12.28 -6.65 7.09
C ALA A 200 -12.39 -6.19 8.54
N PRO A 201 -12.89 -4.98 8.77
CA PRO A 201 -13.05 -4.42 10.12
C PRO A 201 -13.94 -5.30 10.99
N ARG B 9 47.63 12.23 -14.29
CA ARG B 9 47.43 10.76 -14.44
C ARG B 9 47.91 10.05 -13.19
N ARG B 10 48.41 10.81 -12.22
CA ARG B 10 48.92 10.22 -10.99
C ARG B 10 47.91 9.42 -10.17
N ARG B 11 46.67 9.90 -10.07
CA ARG B 11 45.69 9.16 -9.29
C ARG B 11 45.49 7.79 -9.94
N GLU B 12 45.37 7.78 -11.26
CA GLU B 12 45.16 6.56 -12.00
C GLU B 12 46.40 5.68 -11.98
N ARG B 13 47.59 6.29 -12.04
CA ARG B 13 48.83 5.54 -12.04
C ARG B 13 49.04 4.83 -10.70
N ILE B 14 48.68 5.52 -9.62
CA ILE B 14 48.80 4.97 -8.28
C ILE B 14 47.82 3.81 -8.09
N PHE B 15 46.57 4.02 -8.50
CA PHE B 15 45.53 3.00 -8.39
C PHE B 15 45.97 1.76 -9.14
N ARG B 16 46.38 1.96 -10.39
CA ARG B 16 46.82 0.88 -11.24
C ARG B 16 48.02 0.14 -10.62
N ALA B 17 48.98 0.90 -10.10
CA ALA B 17 50.15 0.29 -9.48
C ALA B 17 49.76 -0.49 -8.23
N ALA B 18 48.85 0.07 -7.43
CA ALA B 18 48.38 -0.58 -6.22
C ALA B 18 47.64 -1.86 -6.51
N GLU B 20 47.90 -3.81 -9.07
CA GLU B 20 48.81 -4.81 -9.62
C GLU B 20 49.65 -5.46 -8.51
N LEU B 21 50.05 -4.68 -7.49
CA LEU B 21 50.82 -5.25 -6.39
C LEU B 21 49.89 -6.17 -5.59
N PHE B 22 48.65 -5.72 -5.38
CA PHE B 22 47.66 -6.51 -4.66
C PHE B 22 47.43 -7.83 -5.42
N ARG B 23 47.31 -7.74 -6.74
CA ARG B 23 47.07 -8.91 -7.58
C ARG B 23 48.20 -9.92 -7.51
N ASN B 24 49.44 -9.45 -7.58
CA ASN B 24 50.59 -10.32 -7.57
C ASN B 24 51.15 -10.72 -6.20
N ARG B 25 51.01 -9.85 -5.20
CA ARG B 25 51.55 -10.15 -3.87
C ARG B 25 50.57 -10.16 -2.71
N GLY B 26 49.39 -9.60 -2.91
CA GLY B 26 48.42 -9.62 -1.83
C GLY B 26 48.13 -8.27 -1.23
N PHE B 27 46.88 -8.04 -0.86
CA PHE B 27 46.52 -6.76 -0.30
C PHE B 27 47.21 -6.49 1.05
N GLN B 28 47.10 -7.44 1.98
CA GLN B 28 47.69 -7.27 3.32
C GLN B 28 49.20 -7.09 3.31
N GLU B 29 49.88 -7.84 2.45
CA GLU B 29 51.34 -7.79 2.35
C GLU B 29 51.88 -6.53 1.65
N THR B 30 51.05 -5.87 0.86
CA THR B 30 51.51 -4.67 0.16
C THR B 30 51.50 -3.44 1.06
N THR B 31 52.54 -2.62 0.95
CA THR B 31 52.63 -1.41 1.77
C THR B 31 52.56 -0.14 0.95
N ALA B 32 52.25 0.97 1.61
CA ALA B 32 52.17 2.26 0.94
C ALA B 32 53.52 2.54 0.30
N THR B 33 54.58 2.21 1.01
CA THR B 33 55.93 2.44 0.50
C THR B 33 56.15 1.78 -0.84
N GLU B 34 55.70 0.54 -0.97
CA GLU B 34 55.85 -0.21 -2.21
C GLU B 34 54.99 0.39 -3.33
N ILE B 35 53.76 0.80 -3.01
CA ILE B 35 52.89 1.37 -4.03
C ILE B 35 53.50 2.67 -4.59
N ALA B 36 53.94 3.54 -3.68
CA ALA B 36 54.53 4.81 -4.08
C ALA B 36 55.70 4.57 -5.04
N LYS B 37 56.58 3.64 -4.65
CA LYS B 37 57.75 3.32 -5.47
C LYS B 37 57.31 2.83 -6.84
N ALA B 38 56.32 1.94 -6.88
CA ALA B 38 55.84 1.38 -8.13
C ALA B 38 55.14 2.41 -9.01
N ALA B 39 54.57 3.44 -8.39
CA ALA B 39 53.88 4.49 -9.14
C ALA B 39 54.76 5.75 -9.31
N HIS B 40 56.02 5.64 -8.93
CA HIS B 40 56.96 6.74 -9.06
C HIS B 40 56.50 8.04 -8.39
N VAL B 41 56.07 7.95 -7.13
CA VAL B 41 55.66 9.12 -6.38
C VAL B 41 56.16 8.95 -4.96
N SER B 42 56.25 10.05 -4.24
CA SER B 42 56.71 9.99 -2.86
C SER B 42 55.61 9.37 -2.03
N ARG B 43 55.99 8.88 -0.86
CA ARG B 43 55.04 8.28 0.07
C ARG B 43 54.04 9.38 0.40
N GLY B 44 54.54 10.60 0.56
CA GLY B 44 53.70 11.73 0.87
C GLY B 44 52.66 11.98 -0.20
N THR B 45 53.08 11.91 -1.46
CA THR B 45 52.17 12.13 -2.58
C THR B 45 51.13 11.02 -2.62
N PHE B 46 51.55 9.79 -2.32
CA PHE B 46 50.63 8.66 -2.33
C PHE B 46 49.48 8.91 -1.37
N PHE B 47 49.80 9.34 -0.16
CA PHE B 47 48.79 9.59 0.85
C PHE B 47 47.80 10.72 0.55
N ASN B 48 48.22 11.69 -0.27
CA ASN B 48 47.30 12.77 -0.64
C ASN B 48 46.12 12.14 -1.38
N TYR B 49 46.43 11.16 -2.20
CA TYR B 49 45.40 10.49 -3.01
C TYR B 49 44.68 9.38 -2.24
N TYR B 50 45.43 8.61 -1.47
CA TYR B 50 44.85 7.52 -0.68
C TYR B 50 45.46 7.57 0.72
N PRO B 51 44.74 8.19 1.67
CA PRO B 51 45.10 8.39 3.08
C PRO B 51 45.47 7.10 3.80
N TYR B 52 44.96 6.00 3.28
CA TYR B 52 45.23 4.68 3.84
C TYR B 52 44.97 3.65 2.76
N LYS B 53 45.67 2.52 2.85
CA LYS B 53 45.58 1.47 1.87
C LYS B 53 44.18 1.01 1.47
N GLU B 54 43.30 0.82 2.45
CA GLU B 54 41.94 0.38 2.15
C GLU B 54 41.18 1.34 1.25
N ALA B 55 41.61 2.59 1.19
CA ALA B 55 40.93 3.58 0.33
C ALA B 55 41.07 3.17 -1.13
N VAL B 56 42.13 2.42 -1.46
CA VAL B 56 42.28 1.96 -2.84
C VAL B 56 41.12 0.97 -3.12
N LEU B 57 40.84 0.10 -2.16
CA LEU B 57 39.76 -0.90 -2.29
C LEU B 57 38.40 -0.21 -2.46
N LEU B 58 38.19 0.88 -1.73
CA LEU B 58 36.94 1.64 -1.84
C LEU B 58 36.79 2.19 -3.26
N ASP B 59 37.90 2.66 -3.83
CA ASP B 59 37.89 3.21 -5.18
C ASP B 59 37.51 2.06 -6.12
N TYR B 60 38.15 0.91 -5.94
CA TYR B 60 37.87 -0.26 -6.77
C TYR B 60 36.38 -0.62 -6.62
N GLY B 61 35.93 -0.74 -5.37
CA GLY B 61 34.55 -1.08 -5.13
C GLY B 61 33.56 -0.08 -5.73
N SER B 62 33.86 1.19 -5.57
CA SER B 62 33.01 2.25 -6.13
C SER B 62 32.90 2.08 -7.65
N GLN B 63 33.99 1.68 -8.29
CA GLN B 63 33.97 1.50 -9.74
C GLN B 63 33.15 0.29 -10.14
N LEU B 64 33.22 -0.78 -9.36
CA LEU B 64 32.43 -1.97 -9.66
C LEU B 64 30.96 -1.60 -9.55
N LEU B 65 30.63 -0.84 -8.52
CA LEU B 65 29.25 -0.44 -8.31
C LEU B 65 28.75 0.45 -9.44
N ALA B 66 29.61 1.33 -9.95
CA ALA B 66 29.24 2.21 -11.05
C ALA B 66 28.90 1.36 -12.27
N GLY B 67 29.64 0.26 -12.44
CA GLY B 67 29.37 -0.63 -13.56
C GLY B 67 28.00 -1.26 -13.40
N LEU B 68 27.71 -1.76 -12.20
CA LEU B 68 26.43 -2.39 -11.92
C LEU B 68 25.29 -1.38 -12.15
N ARG B 69 25.52 -0.15 -11.70
CA ARG B 69 24.55 0.92 -11.83
C ARG B 69 24.18 1.13 -13.30
N GLU B 70 25.19 1.18 -14.16
CA GLU B 70 24.95 1.36 -15.59
C GLU B 70 24.11 0.22 -16.12
N GLU B 71 24.58 -1.00 -15.89
CA GLU B 71 23.88 -2.18 -16.36
C GLU B 71 22.43 -2.15 -15.86
N VAL B 72 22.24 -1.87 -14.58
CA VAL B 72 20.89 -1.82 -13.98
C VAL B 72 19.98 -0.75 -14.61
N ARG B 73 20.46 0.49 -14.64
CA ARG B 73 19.65 1.55 -15.20
C ARG B 73 19.33 1.24 -16.64
N ARG B 74 20.29 0.64 -17.33
CA ARG B 74 20.12 0.27 -18.73
C ARG B 74 19.00 -0.75 -18.92
N LEU B 75 19.04 -1.84 -18.16
CA LEU B 75 18.03 -2.89 -18.26
C LEU B 75 16.62 -2.38 -17.91
N LEU B 76 16.52 -1.49 -16.94
CA LEU B 76 15.23 -0.94 -16.56
C LEU B 76 14.70 -0.12 -17.74
N ALA B 77 15.59 0.68 -18.32
CA ALA B 77 15.23 1.52 -19.43
C ALA B 77 14.62 0.70 -20.55
N GLN B 78 15.28 -0.40 -20.94
CA GLN B 78 14.75 -1.22 -22.01
C GLN B 78 13.56 -2.06 -21.58
N GLY B 79 12.87 -1.60 -20.55
CA GLY B 79 11.67 -2.26 -20.05
C GLY B 79 11.73 -3.57 -19.28
N ARG B 80 12.87 -3.91 -18.69
CA ARG B 80 12.95 -5.16 -17.94
C ARG B 80 12.18 -5.01 -16.62
N GLU B 81 11.48 -6.06 -16.22
CA GLU B 81 10.70 -6.03 -14.97
C GLU B 81 11.62 -5.86 -13.74
N PRO B 82 11.25 -4.95 -12.83
CA PRO B 82 12.02 -4.67 -11.61
C PRO B 82 12.52 -5.89 -10.85
N VAL B 83 11.65 -6.85 -10.58
CA VAL B 83 12.06 -8.03 -9.84
C VAL B 83 13.13 -8.79 -10.61
N GLU B 84 12.94 -8.91 -11.93
CA GLU B 84 13.95 -9.62 -12.72
C GLU B 84 15.28 -8.88 -12.72
N VAL B 85 15.23 -7.54 -12.69
CA VAL B 85 16.47 -6.76 -12.67
C VAL B 85 17.15 -7.01 -11.33
N LEU B 86 16.35 -7.10 -10.26
CA LEU B 86 16.90 -7.36 -8.92
C LEU B 86 17.53 -8.75 -8.88
N ARG B 87 16.86 -9.73 -9.49
CA ARG B 87 17.40 -11.09 -9.53
C ARG B 87 18.71 -11.08 -10.30
N HIS B 88 18.76 -10.32 -11.38
CA HIS B 88 19.97 -10.26 -12.18
C HIS B 88 21.11 -9.65 -11.37
N LEU B 89 20.82 -8.52 -10.71
CA LEU B 89 21.81 -7.82 -9.91
C LEU B 89 22.52 -8.72 -8.91
N PHE B 90 21.75 -9.57 -8.24
CA PHE B 90 22.31 -10.45 -7.23
C PHE B 90 23.03 -11.65 -7.82
N ARG B 91 22.63 -12.09 -9.00
CA ARG B 91 23.37 -13.18 -9.64
C ARG B 91 24.74 -12.59 -9.97
N VAL B 92 24.76 -11.36 -10.48
CA VAL B 92 26.02 -10.70 -10.82
C VAL B 92 26.87 -10.49 -9.57
N LEU B 93 26.25 -10.03 -8.48
CA LEU B 93 27.02 -9.81 -7.25
C LEU B 93 27.60 -11.12 -6.72
N ALA B 94 26.81 -12.19 -6.74
CA ALA B 94 27.31 -13.45 -6.23
C ALA B 94 28.51 -13.92 -7.05
N GLU B 95 28.39 -13.85 -8.37
CA GLU B 95 29.48 -14.25 -9.25
C GLU B 95 30.74 -13.42 -9.03
N GLY B 96 30.58 -12.11 -9.01
CA GLY B 96 31.72 -11.23 -8.79
C GLY B 96 32.38 -11.42 -7.45
N THR B 97 31.57 -11.55 -6.39
CA THR B 97 32.12 -11.73 -5.06
C THR B 97 32.96 -13.00 -5.02
N ALA B 98 32.48 -14.06 -5.67
CA ALA B 98 33.22 -15.31 -5.67
C ALA B 98 34.56 -15.16 -6.39
N ARG B 99 34.54 -14.47 -7.52
CA ARG B 99 35.74 -14.24 -8.34
C ARG B 99 36.79 -13.33 -7.72
N GLU B 100 36.35 -12.39 -6.90
CA GLU B 100 37.28 -11.47 -6.28
C GLU B 100 37.25 -11.49 -4.76
N LYS B 101 36.98 -12.66 -4.19
CA LYS B 101 36.89 -12.78 -2.73
C LYS B 101 38.09 -12.31 -1.94
N ASP B 102 39.30 -12.63 -2.39
CA ASP B 102 40.48 -12.22 -1.64
C ASP B 102 40.64 -10.71 -1.53
N LEU B 103 40.28 -9.98 -2.57
CA LEU B 103 40.44 -8.55 -2.53
C LEU B 103 39.23 -7.85 -1.92
N LEU B 104 38.06 -8.47 -2.07
CA LEU B 104 36.84 -7.88 -1.52
C LEU B 104 36.69 -8.04 -0.01
N LEU B 105 37.27 -9.09 0.56
CA LEU B 105 37.15 -9.32 2.00
C LEU B 105 37.66 -8.15 2.86
N PRO B 106 38.91 -7.68 2.62
CA PRO B 106 39.36 -6.54 3.44
C PRO B 106 38.50 -5.31 3.17
N PHE B 108 35.24 -5.42 2.60
CA PHE B 108 34.04 -5.64 3.43
C PHE B 108 34.36 -5.28 4.88
N TYR B 109 35.53 -5.67 5.35
CA TYR B 109 35.87 -5.37 6.74
C TYR B 109 35.98 -3.87 7.02
N GLU B 110 36.42 -3.10 6.02
CA GLU B 110 36.58 -1.66 6.20
C GLU B 110 35.20 -1.04 6.42
N LEU B 111 34.15 -1.69 5.92
CA LEU B 111 32.81 -1.18 6.13
C LEU B 111 32.45 -1.19 7.62
N LEU B 112 33.12 -2.03 8.41
CA LEU B 112 32.84 -2.06 9.83
C LEU B 112 34.06 -1.64 10.67
N ASN B 113 34.88 -0.77 10.08
CA ASN B 113 36.06 -0.26 10.76
C ASN B 113 35.55 0.51 11.99
N PRO B 114 36.11 0.23 13.17
CA PRO B 114 35.70 0.91 14.40
C PRO B 114 35.71 2.43 14.30
N ASP B 115 36.65 2.97 13.53
CA ASP B 115 36.74 4.41 13.35
C ASP B 115 35.51 4.87 12.55
N PRO B 116 34.60 5.63 13.19
CA PRO B 116 33.39 6.10 12.51
C PRO B 116 33.67 6.88 11.23
N VAL B 117 34.74 7.66 11.21
CA VAL B 117 35.05 8.44 10.02
C VAL B 117 35.36 7.52 8.85
N ARG B 118 36.10 6.44 9.11
CA ARG B 118 36.43 5.52 8.04
C ARG B 118 35.22 4.67 7.63
N ALA B 119 34.43 4.25 8.61
CA ALA B 119 33.24 3.44 8.33
C ALA B 119 32.30 4.23 7.43
N ARG B 120 32.15 5.52 7.74
CA ARG B 120 31.29 6.40 6.97
C ARG B 120 31.81 6.56 5.55
N ALA B 121 33.12 6.77 5.40
CA ALA B 121 33.70 6.93 4.07
C ALA B 121 33.45 5.66 3.23
N ALA B 122 33.59 4.50 3.85
CA ALA B 122 33.38 3.24 3.17
C ALA B 122 31.92 3.10 2.72
N PHE B 123 30.99 3.38 3.63
CA PHE B 123 29.58 3.29 3.32
C PHE B 123 29.23 4.18 2.13
N GLU B 124 29.72 5.42 2.15
CA GLU B 124 29.43 6.36 1.08
C GLU B 124 30.09 6.00 -0.25
N ALA B 125 31.17 5.23 -0.21
CA ALA B 125 31.81 4.84 -1.45
C ALA B 125 31.10 3.64 -2.08
N LEU B 126 30.39 2.86 -1.26
CA LEU B 126 29.72 1.64 -1.73
C LEU B 126 28.21 1.65 -1.51
N PRO B 127 27.53 2.67 -2.02
CA PRO B 127 26.07 2.75 -1.85
C PRO B 127 25.21 1.76 -2.64
N LEU B 128 25.32 0.47 -2.30
CA LEU B 128 24.52 -0.55 -2.97
C LEU B 128 23.04 -0.40 -2.62
N GLY B 129 22.76 0.00 -1.38
CA GLY B 129 21.37 0.16 -0.95
C GLY B 129 20.60 1.15 -1.79
N ASP B 130 21.27 2.25 -2.16
CA ASP B 130 20.64 3.29 -2.97
C ASP B 130 20.34 2.78 -4.37
N LEU B 131 21.19 1.89 -4.90
CA LEU B 131 20.96 1.35 -6.24
C LEU B 131 19.73 0.44 -6.18
N ILE B 132 19.65 -0.39 -5.14
CA ILE B 132 18.49 -1.28 -4.99
C ILE B 132 17.20 -0.45 -4.90
N ALA B 133 17.28 0.65 -4.17
CA ALA B 133 16.13 1.56 -4.01
C ALA B 133 15.68 2.09 -5.38
N GLU B 134 16.63 2.34 -6.28
CA GLU B 134 16.29 2.82 -7.61
C GLU B 134 15.46 1.76 -8.33
N ILE B 135 15.85 0.51 -8.17
CA ILE B 135 15.14 -0.58 -8.82
C ILE B 135 13.74 -0.78 -8.24
N LEU B 136 13.58 -0.45 -6.97
CA LEU B 136 12.28 -0.61 -6.30
C LEU B 136 11.27 0.46 -6.70
N LYS B 137 11.77 1.59 -7.20
CA LYS B 137 10.93 2.72 -7.58
C LYS B 137 9.68 2.36 -8.40
N PRO B 138 9.85 1.59 -9.49
CA PRO B 138 8.67 1.23 -10.29
C PRO B 138 7.64 0.45 -9.45
N LEU B 139 8.12 -0.37 -8.53
CA LEU B 139 7.22 -1.13 -7.66
C LEU B 139 6.47 -0.16 -6.74
N ARG B 140 7.18 0.82 -6.19
CA ARG B 140 6.57 1.83 -5.35
C ARG B 140 5.44 2.52 -6.12
N GLU B 141 5.74 2.88 -7.37
CA GLU B 141 4.77 3.57 -8.22
C GLU B 141 3.56 2.72 -8.54
N GLN B 142 3.76 1.39 -8.61
CA GLN B 142 2.65 0.48 -8.87
C GLN B 142 1.76 0.41 -7.63
N GLY B 143 2.30 0.88 -6.49
CA GLY B 143 1.55 0.87 -5.24
C GLY B 143 1.56 -0.44 -4.47
N VAL B 144 2.52 -1.31 -4.77
CA VAL B 144 2.58 -2.61 -4.12
C VAL B 144 3.60 -2.77 -2.99
N LEU B 145 4.27 -1.70 -2.61
CA LEU B 145 5.24 -1.78 -1.52
C LEU B 145 4.73 -1.01 -0.32
N ARG B 146 5.02 -1.51 0.88
CA ARG B 146 4.55 -0.82 2.08
C ARG B 146 5.14 0.61 2.16
N GLN B 147 4.39 1.52 2.79
CA GLN B 147 4.84 2.90 2.88
C GLN B 147 5.32 3.32 4.26
N ASP B 148 5.39 2.37 5.19
CA ASP B 148 5.86 2.74 6.53
C ASP B 148 7.38 2.76 6.59
N PHE B 149 8.01 2.40 5.47
CA PHE B 149 9.47 2.41 5.33
C PHE B 149 9.77 3.00 3.95
N SER B 150 10.82 3.83 3.86
CA SER B 150 11.16 4.43 2.58
C SER B 150 11.88 3.42 1.70
N LEU B 151 11.99 3.73 0.41
CA LEU B 151 12.66 2.83 -0.51
C LEU B 151 14.13 2.72 -0.14
N GLU B 152 14.72 3.84 0.27
CA GLU B 152 16.12 3.83 0.64
C GLU B 152 16.35 2.93 1.84
N ARG B 153 15.42 2.99 2.80
CA ARG B 153 15.60 2.17 3.99
C ARG B 153 15.49 0.68 3.69
N GLY B 155 15.90 -0.73 0.71
CA GLY B 155 16.99 -1.08 -0.20
C GLY B 155 18.27 -1.28 0.59
N ARG B 156 18.50 -0.41 1.58
CA ARG B 156 19.69 -0.54 2.40
C ARG B 156 19.62 -1.82 3.25
N THR B 157 18.42 -2.21 3.68
CA THR B 157 18.32 -3.45 4.45
C THR B 157 18.63 -4.67 3.55
N LEU B 158 18.25 -4.63 2.27
CA LEU B 158 18.56 -5.76 1.39
C LEU B 158 20.07 -5.79 1.11
N ALA B 159 20.67 -4.60 1.03
CA ALA B 159 22.11 -4.47 0.80
C ALA B 159 22.82 -5.01 2.05
N ASP B 160 22.23 -4.76 3.22
CA ASP B 160 22.83 -5.26 4.46
C ASP B 160 22.89 -6.79 4.45
N LEU B 161 21.82 -7.42 3.97
CA LEU B 161 21.77 -8.88 3.88
C LEU B 161 22.82 -9.38 2.91
N TYR B 162 23.02 -8.65 1.80
CA TYR B 162 24.06 -9.05 0.85
C TYR B 162 25.42 -9.00 1.58
N PHE B 163 25.64 -7.90 2.29
CA PHE B 163 26.89 -7.71 3.03
C PHE B 163 27.15 -8.85 4.01
N LEU B 164 26.16 -9.15 4.83
CA LEU B 164 26.27 -10.22 5.80
C LEU B 164 26.58 -11.55 5.10
N SER B 165 25.80 -11.87 4.08
CA SER B 165 26.01 -13.12 3.36
C SER B 165 27.38 -13.20 2.70
N ALA B 166 27.76 -12.14 1.98
CA ALA B 166 29.04 -12.09 1.29
C ALA B 166 30.22 -12.18 2.27
N LEU B 167 30.16 -11.41 3.34
CA LEU B 167 31.25 -11.46 4.33
C LEU B 167 31.39 -12.87 4.91
N ARG B 168 30.26 -13.49 5.28
CA ARG B 168 30.33 -14.84 5.83
C ARG B 168 30.92 -15.81 4.82
N TRP B 169 30.42 -15.72 3.61
CA TRP B 169 30.85 -16.58 2.52
C TRP B 169 32.37 -16.43 2.27
N ALA B 170 32.82 -15.20 2.11
CA ALA B 170 34.22 -14.95 1.83
C ALA B 170 35.18 -15.19 2.99
N ALA B 171 34.74 -14.94 4.21
CA ALA B 171 35.64 -15.13 5.35
C ALA B 171 35.58 -16.49 6.02
N TYR B 172 34.40 -17.11 6.02
CA TYR B 172 34.26 -18.36 6.73
C TYR B 172 33.73 -19.59 6.03
N THR B 173 32.77 -19.41 5.12
CA THR B 173 32.12 -20.54 4.50
C THR B 173 31.87 -20.39 3.01
N PRO B 174 32.95 -20.49 2.21
CA PRO B 174 32.85 -20.37 0.75
C PRO B 174 32.22 -21.59 0.06
N GLY B 175 31.96 -22.64 0.83
CA GLY B 175 31.37 -23.84 0.27
C GLY B 175 29.91 -23.68 -0.10
N ARG B 176 29.27 -22.66 0.47
CA ARG B 176 27.87 -22.39 0.19
C ARG B 176 27.67 -21.82 -1.22
N ASP B 177 26.50 -22.09 -1.78
CA ASP B 177 26.13 -21.56 -3.10
C ASP B 177 25.73 -20.12 -2.81
N LEU B 178 26.63 -19.17 -3.05
CA LEU B 178 26.34 -17.76 -2.78
C LEU B 178 25.18 -17.22 -3.60
N ALA B 179 25.04 -17.68 -4.84
CA ALA B 179 23.94 -17.21 -5.68
C ALA B 179 22.59 -17.54 -5.04
N GLU B 180 22.42 -18.78 -4.59
CA GLU B 180 21.16 -19.19 -3.97
C GLU B 180 20.95 -18.45 -2.64
N GLU B 181 22.04 -18.22 -1.92
CA GLU B 181 21.99 -17.51 -0.65
C GLU B 181 21.42 -16.10 -0.86
N LEU B 182 21.83 -15.42 -1.94
CA LEU B 182 21.34 -14.07 -2.21
C LEU B 182 19.90 -14.07 -2.70
N GLU B 183 19.53 -15.10 -3.45
CA GLU B 183 18.15 -15.24 -3.93
C GLU B 183 17.26 -15.43 -2.69
N LYS B 184 17.77 -16.18 -1.70
CA LYS B 184 17.04 -16.39 -0.46
C LYS B 184 16.81 -15.02 0.24
N ASN B 185 17.86 -14.20 0.31
CA ASN B 185 17.70 -12.89 0.95
C ASN B 185 16.60 -12.11 0.22
N LEU B 186 16.71 -12.05 -1.11
CA LEU B 186 15.72 -11.34 -1.92
C LEU B 186 14.31 -11.85 -1.68
N ARG B 187 14.11 -13.18 -1.74
CA ARG B 187 12.79 -13.78 -1.55
C ARG B 187 12.18 -13.41 -0.19
N LEU B 188 12.98 -13.58 0.86
CA LEU B 188 12.52 -13.28 2.22
C LEU B 188 12.21 -11.80 2.46
N LEU B 189 13.09 -10.92 2.02
CA LEU B 189 12.80 -9.52 2.28
C LEU B 189 11.67 -8.99 1.38
N LEU B 190 11.62 -9.45 0.14
CA LEU B 190 10.56 -8.97 -0.76
C LEU B 190 9.18 -9.51 -0.38
N GLU B 191 9.12 -10.83 -0.22
CA GLU B 191 7.87 -11.52 0.07
C GLU B 191 7.54 -11.75 1.53
N GLY B 192 8.57 -11.83 2.36
CA GLY B 192 8.33 -12.08 3.76
C GLY B 192 8.29 -13.57 4.06
N LEU B 194 6.01 -14.91 6.09
CA LEU B 194 4.61 -15.30 6.16
C LEU B 194 4.11 -15.65 4.76
N VAL B 195 3.26 -16.67 4.66
CA VAL B 195 2.74 -17.08 3.36
C VAL B 195 1.87 -16.02 2.69
N ARG B 196 1.74 -16.11 1.37
CA ARG B 196 0.91 -15.21 0.59
C ARG B 196 -0.04 -16.16 -0.13
N GLU B 197 -1.14 -16.47 0.53
CA GLU B 197 -2.12 -17.40 -0.03
C GLU B 197 -3.53 -16.82 -0.11
N ALA B 198 -3.63 -15.51 -0.29
CA ALA B 198 -4.94 -14.88 -0.40
C ALA B 198 -5.67 -15.45 -1.61
N PRO B 199 -6.91 -15.89 -1.41
CA PRO B 199 -7.61 -16.42 -2.58
C PRO B 199 -7.93 -15.30 -3.57
N ALA B 200 -7.97 -14.06 -3.08
CA ALA B 200 -8.24 -12.91 -3.95
C ALA B 200 -7.18 -11.83 -3.72
N PRO B 201 -5.99 -12.01 -4.29
CA PRO B 201 -4.95 -10.99 -4.11
C PRO B 201 -5.25 -9.74 -4.93
N GLY B 202 -4.50 -8.68 -4.69
CA GLY B 202 -4.70 -7.45 -5.41
C GLY B 202 -4.03 -7.51 -6.78
N GLY B 203 -4.22 -6.46 -7.56
CA GLY B 203 -3.65 -6.40 -8.89
C GLY B 203 -4.72 -6.68 -9.92
N VAL C 2 -52.03 -9.89 -41.08
CA VAL C 2 -52.55 -9.52 -39.74
C VAL C 2 -52.20 -8.09 -39.37
N ARG C 3 -53.03 -7.48 -38.54
CA ARG C 3 -52.82 -6.11 -38.08
C ARG C 3 -51.62 -6.09 -37.13
N GLU C 4 -51.39 -7.21 -36.47
CA GLU C 4 -50.27 -7.31 -35.54
C GLU C 4 -48.95 -7.08 -36.27
N TYR C 5 -48.80 -7.72 -37.41
CA TYR C 5 -47.58 -7.59 -38.22
C TYR C 5 -47.40 -6.13 -38.66
N GLN C 6 -48.50 -5.51 -39.08
CA GLN C 6 -48.45 -4.13 -39.52
C GLN C 6 -48.09 -3.23 -38.35
N LYS C 7 -48.62 -3.52 -37.17
CA LYS C 7 -48.31 -2.73 -35.99
C LYS C 7 -46.83 -2.80 -35.66
N LYS C 8 -46.26 -3.99 -35.77
CA LYS C 8 -44.84 -4.21 -35.50
C LYS C 8 -43.98 -3.38 -36.44
N ARG C 9 -44.29 -3.43 -37.73
CA ARG C 9 -43.53 -2.65 -38.70
C ARG C 9 -43.73 -1.16 -38.48
N ARG C 10 -44.94 -0.76 -38.14
CA ARG C 10 -45.23 0.64 -37.91
C ARG C 10 -44.37 1.11 -36.73
N ARG C 11 -44.34 0.32 -35.66
CA ARG C 11 -43.55 0.70 -34.50
C ARG C 11 -42.09 0.85 -34.89
N GLU C 12 -41.57 -0.10 -35.65
CA GLU C 12 -40.18 -0.03 -36.08
C GLU C 12 -39.90 1.19 -36.94
N ARG C 13 -40.86 1.57 -37.78
CA ARG C 13 -40.68 2.74 -38.65
C ARG C 13 -40.68 4.03 -37.84
N ILE C 14 -41.59 4.12 -36.88
CA ILE C 14 -41.67 5.31 -36.03
C ILE C 14 -40.36 5.39 -35.24
N PHE C 15 -39.96 4.26 -34.67
CA PHE C 15 -38.71 4.20 -33.90
C PHE C 15 -37.50 4.66 -34.74
N ARG C 16 -37.33 4.09 -35.92
CA ARG C 16 -36.19 4.47 -36.75
C ARG C 16 -36.26 5.93 -37.19
N ALA C 17 -37.47 6.40 -37.47
CA ALA C 17 -37.63 7.78 -37.90
C ALA C 17 -37.20 8.73 -36.80
N ALA C 18 -37.60 8.43 -35.57
CA ALA C 18 -37.25 9.28 -34.44
C ALA C 18 -35.75 9.27 -34.18
N GLU C 20 -33.29 8.65 -36.25
CA GLU C 20 -32.57 9.35 -37.29
C GLU C 20 -32.62 10.84 -37.03
N LEU C 21 -33.82 11.34 -36.70
CA LEU C 21 -33.99 12.76 -36.39
C LEU C 21 -33.16 13.14 -35.16
N PHE C 22 -33.23 12.31 -34.12
CA PHE C 22 -32.46 12.59 -32.91
C PHE C 22 -30.97 12.72 -33.24
N ARG C 23 -30.45 11.86 -34.10
CA ARG C 23 -29.02 11.95 -34.43
C ARG C 23 -28.66 13.17 -35.26
N ASN C 24 -29.53 13.55 -36.20
CA ASN C 24 -29.25 14.69 -37.07
C ASN C 24 -29.54 16.06 -36.49
N ARG C 25 -30.54 16.17 -35.62
CA ARG C 25 -30.91 17.46 -35.07
C ARG C 25 -30.90 17.62 -33.56
N GLY C 26 -30.72 16.52 -32.84
CA GLY C 26 -30.70 16.60 -31.39
C GLY C 26 -32.00 16.07 -30.81
N PHE C 27 -31.91 15.41 -29.65
CA PHE C 27 -33.07 14.86 -29.01
C PHE C 27 -34.06 15.93 -28.56
N GLN C 28 -33.57 16.88 -27.79
CA GLN C 28 -34.46 17.93 -27.27
C GLN C 28 -35.12 18.74 -28.36
N GLU C 29 -34.37 19.04 -29.41
CA GLU C 29 -34.86 19.84 -30.53
C GLU C 29 -35.89 19.15 -31.44
N THR C 30 -35.96 17.81 -31.40
CA THR C 30 -36.88 17.06 -32.25
C THR C 30 -38.25 16.94 -31.61
N THR C 31 -39.30 17.25 -32.37
CA THR C 31 -40.63 17.19 -31.80
C THR C 31 -41.44 15.99 -32.28
N ALA C 32 -42.49 15.70 -31.52
CA ALA C 32 -43.40 14.60 -31.86
C ALA C 32 -44.01 14.81 -33.27
N THR C 33 -44.29 16.05 -33.63
CA THR C 33 -44.87 16.32 -34.94
C THR C 33 -43.83 16.01 -36.06
N GLU C 34 -42.58 16.34 -35.83
CA GLU C 34 -41.53 16.05 -36.80
C GLU C 34 -41.35 14.55 -36.95
N ILE C 35 -41.40 13.84 -35.84
CA ILE C 35 -41.26 12.39 -35.87
C ILE C 35 -42.41 11.77 -36.63
N ALA C 36 -43.63 12.18 -36.30
CA ALA C 36 -44.81 11.66 -36.97
C ALA C 36 -44.75 11.91 -38.48
N LYS C 37 -44.42 13.13 -38.87
CA LYS C 37 -44.32 13.47 -40.29
C LYS C 37 -43.33 12.54 -41.01
N ALA C 38 -42.15 12.40 -40.42
CA ALA C 38 -41.11 11.56 -41.01
C ALA C 38 -41.53 10.09 -41.11
N ALA C 39 -42.34 9.65 -40.16
CA ALA C 39 -42.80 8.26 -40.12
C ALA C 39 -44.12 8.04 -40.88
N HIS C 40 -44.64 9.12 -41.46
CA HIS C 40 -45.89 9.10 -42.24
C HIS C 40 -47.14 8.81 -41.44
N VAL C 41 -47.17 9.24 -40.17
CA VAL C 41 -48.33 9.02 -39.31
C VAL C 41 -48.76 10.34 -38.67
N SER C 42 -49.92 10.31 -38.01
CA SER C 42 -50.43 11.50 -37.33
C SER C 42 -49.72 11.65 -35.99
N ARG C 43 -49.76 12.86 -35.42
CA ARG C 43 -49.15 13.12 -34.13
C ARG C 43 -49.81 12.15 -33.12
N GLY C 44 -51.12 11.98 -33.21
CA GLY C 44 -51.79 11.05 -32.30
C GLY C 44 -51.27 9.63 -32.37
N THR C 45 -51.01 9.14 -33.59
CA THR C 45 -50.49 7.78 -33.76
C THR C 45 -49.11 7.66 -33.13
N PHE C 46 -48.28 8.69 -33.30
CA PHE C 46 -46.96 8.66 -32.69
C PHE C 46 -47.07 8.43 -31.17
N PHE C 47 -47.92 9.23 -30.52
CA PHE C 47 -48.05 9.08 -29.08
C PHE C 47 -48.66 7.73 -28.68
N ASN C 48 -49.41 7.09 -29.57
CA ASN C 48 -49.98 5.78 -29.26
C ASN C 48 -48.88 4.74 -29.15
N TYR C 49 -47.77 4.96 -29.87
CA TYR C 49 -46.66 4.01 -29.83
C TYR C 49 -45.59 4.38 -28.79
N TYR C 50 -45.37 5.68 -28.64
CA TYR C 50 -44.39 6.23 -27.71
C TYR C 50 -45.07 7.42 -27.01
N PRO C 51 -45.66 7.17 -25.83
CA PRO C 51 -46.37 8.17 -25.04
C PRO C 51 -45.58 9.44 -24.73
N TYR C 52 -44.26 9.31 -24.70
CA TYR C 52 -43.39 10.45 -24.46
C TYR C 52 -42.12 10.17 -25.24
N LYS C 53 -41.44 11.22 -25.67
CA LYS C 53 -40.22 11.06 -26.46
C LYS C 53 -39.15 10.17 -25.85
N GLU C 54 -38.92 10.32 -24.54
CA GLU C 54 -37.91 9.50 -23.89
C GLU C 54 -38.17 8.00 -24.02
N ALA C 55 -39.41 7.60 -24.26
CA ALA C 55 -39.73 6.17 -24.41
C ALA C 55 -38.99 5.60 -25.63
N VAL C 56 -38.72 6.45 -26.61
CA VAL C 56 -37.97 6.01 -27.79
C VAL C 56 -36.54 5.67 -27.35
N LEU C 57 -35.95 6.55 -26.54
CA LEU C 57 -34.59 6.30 -26.06
C LEU C 57 -34.51 5.03 -25.20
N LEU C 58 -35.56 4.74 -24.43
CA LEU C 58 -35.54 3.56 -23.58
C LEU C 58 -35.52 2.31 -24.48
N ASP C 59 -36.27 2.38 -25.56
CA ASP C 59 -36.34 1.30 -26.54
C ASP C 59 -34.95 1.07 -27.11
N TYR C 60 -34.28 2.17 -27.46
CA TYR C 60 -32.93 2.10 -28.00
C TYR C 60 -31.97 1.49 -26.97
N GLY C 61 -32.05 1.99 -25.75
CA GLY C 61 -31.20 1.48 -24.68
C GLY C 61 -31.39 -0.02 -24.48
N SER C 62 -32.63 -0.47 -24.54
CA SER C 62 -32.92 -1.88 -24.36
C SER C 62 -32.25 -2.67 -25.48
N GLN C 63 -32.28 -2.13 -26.68
CA GLN C 63 -31.65 -2.82 -27.80
C GLN C 63 -30.13 -2.92 -27.56
N LEU C 64 -29.53 -1.81 -27.14
CA LEU C 64 -28.10 -1.81 -26.86
C LEU C 64 -27.77 -2.83 -25.77
N LEU C 65 -28.59 -2.87 -24.72
CA LEU C 65 -28.36 -3.82 -23.61
C LEU C 65 -28.53 -5.25 -24.09
N ALA C 66 -29.46 -5.49 -25.01
CA ALA C 66 -29.66 -6.84 -25.52
C ALA C 66 -28.39 -7.27 -26.25
N GLY C 67 -27.74 -6.35 -26.94
CA GLY C 67 -26.50 -6.65 -27.64
C GLY C 67 -25.39 -7.01 -26.65
N LEU C 68 -25.26 -6.22 -25.59
CA LEU C 68 -24.27 -6.45 -24.54
C LEU C 68 -24.50 -7.80 -23.87
N ARG C 69 -25.77 -8.13 -23.66
CA ARG C 69 -26.17 -9.37 -23.02
C ARG C 69 -25.74 -10.59 -23.85
N GLU C 70 -25.95 -10.49 -25.16
CA GLU C 70 -25.57 -11.58 -26.07
C GLU C 70 -24.07 -11.82 -25.98
N GLU C 71 -23.32 -10.73 -26.11
CA GLU C 71 -21.87 -10.79 -26.05
C GLU C 71 -21.34 -11.34 -24.71
N VAL C 72 -21.87 -10.85 -23.60
CA VAL C 72 -21.44 -11.32 -22.27
C VAL C 72 -21.70 -12.82 -22.12
N ARG C 73 -22.90 -13.27 -22.49
CA ARG C 73 -23.22 -14.69 -22.38
C ARG C 73 -22.36 -15.52 -23.30
N ARG C 74 -22.11 -15.02 -24.51
CA ARG C 74 -21.28 -15.72 -25.47
C ARG C 74 -19.86 -15.89 -24.91
N LEU C 75 -19.27 -14.79 -24.45
CA LEU C 75 -17.91 -14.84 -23.90
C LEU C 75 -17.77 -15.77 -22.70
N LEU C 76 -18.76 -15.78 -21.83
CA LEU C 76 -18.70 -16.66 -20.66
C LEU C 76 -18.83 -18.11 -21.11
N ALA C 77 -19.73 -18.35 -22.06
CA ALA C 77 -19.95 -19.70 -22.59
C ALA C 77 -18.70 -20.22 -23.30
N GLN C 78 -17.83 -19.32 -23.75
CA GLN C 78 -16.62 -19.74 -24.43
C GLN C 78 -15.48 -19.97 -23.45
N GLY C 79 -15.77 -19.85 -22.16
CA GLY C 79 -14.75 -20.05 -21.14
C GLY C 79 -13.92 -18.86 -20.71
N ARG C 80 -14.26 -17.64 -21.16
CA ARG C 80 -13.49 -16.47 -20.75
C ARG C 80 -13.68 -16.20 -19.27
N GLU C 81 -12.61 -15.77 -18.61
CA GLU C 81 -12.62 -15.46 -17.17
C GLU C 81 -13.66 -14.39 -16.84
N PRO C 82 -14.48 -14.62 -15.80
CA PRO C 82 -15.51 -13.66 -15.41
C PRO C 82 -14.99 -12.23 -15.20
N VAL C 83 -13.87 -12.08 -14.48
CA VAL C 83 -13.34 -10.72 -14.27
C VAL C 83 -12.96 -10.07 -15.60
N GLU C 84 -12.43 -10.84 -16.54
CA GLU C 84 -12.09 -10.27 -17.83
C GLU C 84 -13.32 -9.91 -18.64
N VAL C 85 -14.38 -10.69 -18.51
CA VAL C 85 -15.63 -10.40 -19.23
C VAL C 85 -16.18 -9.09 -18.66
N LEU C 86 -16.03 -8.92 -17.35
CA LEU C 86 -16.51 -7.71 -16.68
C LEU C 86 -15.74 -6.48 -17.17
N ARG C 87 -14.41 -6.60 -17.26
CA ARG C 87 -13.59 -5.50 -17.73
C ARG C 87 -13.99 -5.13 -19.15
N HIS C 88 -14.13 -6.15 -19.99
CA HIS C 88 -14.53 -5.96 -21.38
C HIS C 88 -15.88 -5.23 -21.43
N LEU C 89 -16.82 -5.68 -20.61
CA LEU C 89 -18.14 -5.06 -20.57
C LEU C 89 -18.04 -3.56 -20.29
N PHE C 90 -17.23 -3.19 -19.31
CA PHE C 90 -17.06 -1.77 -18.97
C PHE C 90 -16.36 -1.01 -20.11
N ARG C 91 -15.43 -1.65 -20.80
CA ARG C 91 -14.75 -0.98 -21.91
C ARG C 91 -15.76 -0.71 -23.03
N VAL C 92 -16.62 -1.70 -23.29
CA VAL C 92 -17.63 -1.53 -24.33
C VAL C 92 -18.62 -0.45 -23.91
N LEU C 93 -19.01 -0.45 -22.64
CA LEU C 93 -19.93 0.56 -22.11
C LEU C 93 -19.33 1.95 -22.30
N ALA C 94 -18.04 2.06 -22.04
CA ALA C 94 -17.36 3.35 -22.18
C ALA C 94 -17.37 3.82 -23.63
N GLU C 95 -16.91 2.98 -24.54
CA GLU C 95 -16.85 3.34 -25.95
C GLU C 95 -18.24 3.68 -26.48
N GLY C 96 -19.23 2.85 -26.20
CA GLY C 96 -20.57 3.12 -26.69
C GLY C 96 -21.19 4.40 -26.11
N THR C 97 -20.87 4.66 -24.85
CA THR C 97 -21.40 5.84 -24.20
C THR C 97 -20.76 7.10 -24.79
N ALA C 98 -19.45 7.06 -25.03
CA ALA C 98 -18.80 8.24 -25.60
C ALA C 98 -19.27 8.47 -27.03
N ARG C 99 -19.43 7.38 -27.77
CA ARG C 99 -19.87 7.47 -29.16
C ARG C 99 -21.24 8.09 -29.32
N GLU C 100 -22.15 7.81 -28.39
CA GLU C 100 -23.51 8.33 -28.46
C GLU C 100 -23.93 9.15 -27.25
N LYS C 101 -22.99 9.95 -26.77
CA LYS C 101 -23.20 10.81 -25.62
C LYS C 101 -24.47 11.66 -25.67
N ASP C 102 -24.68 12.39 -26.76
CA ASP C 102 -25.85 13.29 -26.85
C ASP C 102 -27.19 12.57 -26.83
N LEU C 103 -27.21 11.33 -27.30
CA LEU C 103 -28.43 10.53 -27.31
C LEU C 103 -28.67 9.90 -25.95
N LEU C 104 -27.60 9.43 -25.32
CA LEU C 104 -27.73 8.76 -24.05
C LEU C 104 -27.95 9.66 -22.84
N LEU C 105 -27.43 10.89 -22.87
CA LEU C 105 -27.61 11.78 -21.73
C LEU C 105 -29.08 11.96 -21.33
N PRO C 106 -29.98 12.28 -22.29
CA PRO C 106 -31.39 12.45 -21.90
C PRO C 106 -31.96 11.12 -21.41
N PHE C 108 -30.19 8.98 -19.61
CA PHE C 108 -29.75 8.87 -18.20
C PHE C 108 -30.65 9.70 -17.28
N TYR C 109 -31.03 10.90 -17.72
CA TYR C 109 -31.89 11.77 -16.91
C TYR C 109 -33.26 11.15 -16.67
N GLU C 110 -33.80 10.45 -17.67
CA GLU C 110 -35.11 9.81 -17.53
C GLU C 110 -35.07 8.72 -16.45
N LEU C 111 -33.90 8.12 -16.23
CA LEU C 111 -33.78 7.09 -15.20
C LEU C 111 -34.06 7.72 -13.82
N LEU C 112 -33.83 9.03 -13.72
CA LEU C 112 -34.11 9.74 -12.46
C LEU C 112 -35.26 10.75 -12.62
N ASN C 113 -36.20 10.41 -13.50
CA ASN C 113 -37.38 11.26 -13.68
C ASN C 113 -38.13 11.25 -12.35
N PRO C 114 -38.54 12.43 -11.86
CA PRO C 114 -39.27 12.54 -10.59
C PRO C 114 -40.53 11.66 -10.56
N ASP C 115 -41.18 11.54 -11.71
CA ASP C 115 -42.38 10.73 -11.82
C ASP C 115 -41.98 9.27 -11.61
N PRO C 116 -42.47 8.66 -10.51
CA PRO C 116 -42.16 7.27 -10.19
C PRO C 116 -42.48 6.24 -11.27
N VAL C 117 -43.61 6.41 -11.93
CA VAL C 117 -44.01 5.47 -12.97
C VAL C 117 -43.03 5.52 -14.14
N ARG C 118 -42.59 6.73 -14.53
CA ARG C 118 -41.64 6.82 -15.62
C ARG C 118 -40.26 6.35 -15.18
N ALA C 119 -39.88 6.67 -13.95
CA ALA C 119 -38.57 6.25 -13.47
C ALA C 119 -38.52 4.72 -13.43
N ARG C 120 -39.61 4.10 -13.01
CA ARG C 120 -39.66 2.64 -12.94
C ARG C 120 -39.60 2.01 -14.34
N ALA C 121 -40.32 2.60 -15.29
CA ALA C 121 -40.31 2.07 -16.65
C ALA C 121 -38.89 2.15 -17.20
N ALA C 122 -38.19 3.23 -16.88
CA ALA C 122 -36.81 3.38 -17.37
C ALA C 122 -35.91 2.29 -16.73
N PHE C 123 -36.05 2.11 -15.41
CA PHE C 123 -35.24 1.13 -14.71
C PHE C 123 -35.44 -0.27 -15.30
N GLU C 124 -36.69 -0.65 -15.53
CA GLU C 124 -37.00 -1.97 -16.09
C GLU C 124 -36.58 -2.15 -17.53
N ALA C 125 -36.52 -1.05 -18.29
CA ALA C 125 -36.10 -1.16 -19.68
C ALA C 125 -34.56 -1.28 -19.76
N LEU C 126 -33.87 -0.86 -18.71
CA LEU C 126 -32.40 -0.88 -18.72
C LEU C 126 -31.75 -1.62 -17.53
N PRO C 127 -32.05 -2.92 -17.39
CA PRO C 127 -31.48 -3.70 -16.27
C PRO C 127 -30.02 -4.15 -16.42
N LEU C 128 -29.10 -3.19 -16.45
CA LEU C 128 -27.68 -3.51 -16.58
C LEU C 128 -27.17 -4.27 -15.34
N GLY C 129 -27.69 -3.90 -14.17
CA GLY C 129 -27.27 -4.58 -12.95
C GLY C 129 -27.44 -6.09 -13.01
N ASP C 130 -28.59 -6.52 -13.53
CA ASP C 130 -28.91 -7.94 -13.65
C ASP C 130 -27.92 -8.64 -14.58
N LEU C 131 -27.52 -7.94 -15.62
CA LEU C 131 -26.56 -8.54 -16.55
C LEU C 131 -25.22 -8.72 -15.85
N ILE C 132 -24.82 -7.71 -15.09
CA ILE C 132 -23.55 -7.80 -14.37
C ILE C 132 -23.64 -8.96 -13.36
N ALA C 133 -24.82 -9.16 -12.77
CA ALA C 133 -24.99 -10.24 -11.80
C ALA C 133 -24.70 -11.59 -12.42
N GLU C 134 -25.00 -11.72 -13.72
CA GLU C 134 -24.77 -12.97 -14.44
C GLU C 134 -23.27 -13.24 -14.54
N ILE C 135 -22.47 -12.18 -14.62
CA ILE C 135 -21.02 -12.36 -14.70
C ILE C 135 -20.46 -12.70 -13.31
N LEU C 136 -21.07 -12.14 -12.28
CA LEU C 136 -20.63 -12.36 -10.91
C LEU C 136 -20.96 -13.78 -10.40
N LYS C 137 -22.02 -14.39 -10.93
CA LYS C 137 -22.46 -15.72 -10.50
C LYS C 137 -21.32 -16.75 -10.46
N PRO C 138 -20.61 -16.94 -11.58
CA PRO C 138 -19.52 -17.93 -11.51
C PRO C 138 -18.42 -17.56 -10.48
N LEU C 139 -18.19 -16.26 -10.27
CA LEU C 139 -17.18 -15.88 -9.28
C LEU C 139 -17.65 -16.34 -7.90
N ARG C 140 -18.96 -16.24 -7.67
CA ARG C 140 -19.51 -16.66 -6.38
C ARG C 140 -19.41 -18.17 -6.29
N GLU C 141 -19.78 -18.86 -7.36
CA GLU C 141 -19.73 -20.32 -7.39
C GLU C 141 -18.30 -20.76 -7.11
N GLN C 142 -17.34 -20.05 -7.69
CA GLN C 142 -15.93 -20.37 -7.49
C GLN C 142 -15.50 -20.06 -6.05
N GLY C 143 -16.26 -19.23 -5.36
CA GLY C 143 -15.92 -18.90 -3.97
C GLY C 143 -15.04 -17.68 -3.74
N VAL C 144 -14.60 -17.04 -4.80
CA VAL C 144 -13.75 -15.85 -4.66
C VAL C 144 -14.55 -14.58 -4.40
N LEU C 145 -15.88 -14.68 -4.53
CA LEU C 145 -16.79 -13.54 -4.33
C LEU C 145 -17.46 -13.72 -2.98
N ARG C 146 -17.68 -12.64 -2.23
CA ARG C 146 -18.31 -12.75 -0.92
C ARG C 146 -19.72 -13.31 -1.06
N GLN C 147 -20.17 -14.03 -0.04
CA GLN C 147 -21.48 -14.69 -0.02
C GLN C 147 -22.56 -13.96 0.80
N ASP C 148 -22.18 -12.89 1.49
CA ASP C 148 -23.11 -12.18 2.34
C ASP C 148 -23.90 -11.06 1.67
N PHE C 149 -23.80 -10.94 0.36
CA PHE C 149 -24.55 -9.92 -0.39
C PHE C 149 -25.17 -10.68 -1.55
N SER C 150 -26.36 -10.28 -1.99
CA SER C 150 -26.99 -10.95 -3.13
C SER C 150 -26.22 -10.56 -4.38
N LEU C 151 -26.26 -11.42 -5.40
CA LEU C 151 -25.59 -11.13 -6.66
C LEU C 151 -26.22 -9.90 -7.32
N GLU C 152 -27.53 -9.79 -7.17
CA GLU C 152 -28.28 -8.68 -7.75
C GLU C 152 -27.81 -7.37 -7.11
N ARG C 153 -27.60 -7.41 -5.81
CA ARG C 153 -27.11 -6.27 -5.04
C ARG C 153 -25.78 -5.75 -5.59
N GLY C 155 -24.27 -6.57 -8.46
CA GLY C 155 -24.35 -6.20 -9.86
C GLY C 155 -24.98 -4.84 -10.01
N ARG C 156 -26.04 -4.55 -9.26
CA ARG C 156 -26.69 -3.26 -9.38
C ARG C 156 -25.85 -2.13 -8.80
N THR C 157 -25.01 -2.41 -7.81
CA THR C 157 -24.16 -1.36 -7.28
C THR C 157 -23.10 -0.98 -8.33
N LEU C 158 -22.61 -1.98 -9.06
CA LEU C 158 -21.65 -1.71 -10.13
C LEU C 158 -22.34 -0.90 -11.25
N ALA C 159 -23.58 -1.26 -11.57
CA ALA C 159 -24.34 -0.54 -12.60
C ALA C 159 -24.60 0.90 -12.10
N ASP C 160 -24.88 1.04 -10.81
CA ASP C 160 -25.09 2.37 -10.23
C ASP C 160 -23.85 3.28 -10.45
N LEU C 161 -22.65 2.72 -10.24
CA LEU C 161 -21.41 3.51 -10.42
C LEU C 161 -21.22 3.82 -11.89
N TYR C 162 -21.57 2.89 -12.76
CA TYR C 162 -21.45 3.14 -14.18
C TYR C 162 -22.31 4.35 -14.52
N PHE C 163 -23.56 4.31 -14.05
CA PHE C 163 -24.55 5.37 -14.28
C PHE C 163 -24.06 6.74 -13.82
N LEU C 164 -23.62 6.80 -12.57
CA LEU C 164 -23.14 8.05 -11.99
C LEU C 164 -21.97 8.60 -12.81
N SER C 165 -21.00 7.75 -13.14
CA SER C 165 -19.86 8.19 -13.94
C SER C 165 -20.23 8.62 -15.34
N ALA C 166 -21.10 7.85 -15.99
CA ALA C 166 -21.48 8.16 -17.36
C ALA C 166 -22.24 9.46 -17.41
N LEU C 167 -23.13 9.67 -16.46
CA LEU C 167 -23.91 10.89 -16.41
C LEU C 167 -22.99 12.10 -16.17
N ARG C 168 -22.11 12.00 -15.18
CA ARG C 168 -21.20 13.09 -14.88
C ARG C 168 -20.34 13.40 -16.09
N TRP C 169 -19.78 12.33 -16.67
CA TRP C 169 -18.94 12.46 -17.86
C TRP C 169 -19.66 13.16 -19.01
N ALA C 170 -20.83 12.64 -19.36
CA ALA C 170 -21.60 13.16 -20.48
C ALA C 170 -22.10 14.59 -20.28
N ALA C 171 -22.56 14.89 -19.07
CA ALA C 171 -23.09 16.22 -18.77
C ALA C 171 -22.09 17.28 -18.35
N TYR C 172 -21.07 16.89 -17.60
CA TYR C 172 -20.15 17.88 -17.06
C TYR C 172 -18.66 17.80 -17.36
N THR C 173 -18.12 16.63 -17.68
CA THR C 173 -16.68 16.53 -17.99
C THR C 173 -16.43 15.58 -19.16
N PRO C 174 -17.03 15.86 -20.33
CA PRO C 174 -16.88 15.03 -21.53
C PRO C 174 -15.47 14.93 -22.11
N GLY C 175 -14.57 15.77 -21.63
CA GLY C 175 -13.20 15.76 -22.13
C GLY C 175 -12.34 14.66 -21.53
N ARG C 176 -12.77 14.12 -20.40
CA ARG C 176 -12.02 13.08 -19.71
C ARG C 176 -12.17 11.72 -20.37
N ASP C 177 -11.33 10.79 -19.94
CA ASP C 177 -11.34 9.43 -20.47
C ASP C 177 -12.37 8.59 -19.71
N LEU C 178 -13.53 8.36 -20.31
CA LEU C 178 -14.56 7.58 -19.63
C LEU C 178 -14.14 6.13 -19.38
N ALA C 179 -13.39 5.53 -20.30
CA ALA C 179 -12.95 4.15 -20.09
C ALA C 179 -12.12 4.02 -18.81
N GLU C 180 -11.19 4.96 -18.63
CA GLU C 180 -10.31 4.95 -17.46
C GLU C 180 -11.14 5.08 -16.18
N GLU C 181 -12.12 5.97 -16.23
CA GLU C 181 -13.01 6.23 -15.11
C GLU C 181 -13.79 4.97 -14.75
N LEU C 182 -14.37 4.31 -15.76
CA LEU C 182 -15.14 3.10 -15.48
C LEU C 182 -14.27 1.95 -14.96
N GLU C 183 -13.04 1.86 -15.44
CA GLU C 183 -12.14 0.81 -15.00
C GLU C 183 -11.77 1.06 -13.54
N LYS C 184 -11.63 2.34 -13.17
CA LYS C 184 -11.31 2.67 -11.78
C LYS C 184 -12.48 2.26 -10.87
N ASN C 185 -13.71 2.56 -11.30
CA ASN C 185 -14.87 2.20 -10.51
C ASN C 185 -14.98 0.68 -10.34
N LEU C 186 -14.76 -0.04 -11.42
CA LEU C 186 -14.82 -1.49 -11.39
C LEU C 186 -13.81 -2.02 -10.37
N ARG C 187 -12.58 -1.53 -10.45
CA ARG C 187 -11.55 -1.99 -9.52
C ARG C 187 -11.84 -1.64 -8.07
N LEU C 188 -12.41 -0.46 -7.82
CA LEU C 188 -12.68 -0.03 -6.45
C LEU C 188 -13.78 -0.86 -5.80
N LEU C 189 -14.82 -1.18 -6.56
CA LEU C 189 -15.90 -1.96 -5.99
C LEU C 189 -15.53 -3.45 -5.86
N LEU C 190 -14.85 -4.02 -6.87
CA LEU C 190 -14.46 -5.42 -6.79
C LEU C 190 -13.44 -5.69 -5.68
N GLU C 191 -12.37 -4.90 -5.67
CA GLU C 191 -11.31 -5.08 -4.67
C GLU C 191 -11.50 -4.32 -3.37
N GLY C 192 -12.18 -3.18 -3.43
CA GLY C 192 -12.41 -2.39 -2.24
C GLY C 192 -11.31 -1.38 -1.99
N LEU C 194 -9.72 -1.02 0.99
CA LEU C 194 -8.70 -1.67 1.83
C LEU C 194 -7.64 -2.37 0.96
N VAL C 195 -6.38 -2.24 1.35
CA VAL C 195 -5.31 -2.84 0.59
C VAL C 195 -5.43 -4.35 0.51
N ARG C 196 -4.96 -4.92 -0.61
CA ARG C 196 -5.01 -6.36 -0.80
C ARG C 196 -3.59 -6.93 -0.88
N GLU C 197 -3.47 -8.24 -0.72
CA GLU C 197 -2.19 -8.92 -0.77
C GLU C 197 -1.58 -8.92 -2.17
N ALA C 198 -0.33 -8.50 -2.27
CA ALA C 198 0.36 -8.49 -3.56
C ALA C 198 0.97 -9.89 -3.67
N PRO C 199 0.69 -10.58 -4.78
CA PRO C 199 1.25 -11.92 -4.91
C PRO C 199 2.77 -11.91 -5.08
N ALA C 200 3.41 -13.02 -4.71
CA ALA C 200 4.86 -13.14 -4.87
C ALA C 200 5.15 -13.06 -6.37
N PRO C 201 6.27 -12.44 -6.76
CA PRO C 201 6.62 -12.31 -8.18
C PRO C 201 6.63 -13.63 -8.97
N GLY C 202 7.16 -14.69 -8.36
CA GLY C 202 7.21 -15.96 -9.04
C GLY C 202 7.86 -15.92 -10.43
N ARG D 10 -26.74 40.67 6.38
CA ARG D 10 -27.96 40.71 5.51
C ARG D 10 -28.23 39.32 4.92
N ARG D 11 -27.18 38.67 4.42
CA ARG D 11 -27.31 37.35 3.83
C ARG D 11 -28.06 36.43 4.78
N GLU D 12 -27.62 36.42 6.03
CA GLU D 12 -28.24 35.59 7.07
C GLU D 12 -29.69 35.93 7.30
N ARG D 13 -30.04 37.19 7.08
CA ARG D 13 -31.41 37.64 7.26
C ARG D 13 -32.29 37.04 6.15
N ILE D 14 -31.83 37.17 4.91
CA ILE D 14 -32.56 36.64 3.75
C ILE D 14 -32.68 35.12 3.85
N PHE D 15 -31.58 34.46 4.20
CA PHE D 15 -31.59 33.01 4.35
C PHE D 15 -32.71 32.54 5.29
N ARG D 16 -32.77 33.13 6.48
CA ARG D 16 -33.79 32.75 7.46
C ARG D 16 -35.23 32.93 6.98
N ALA D 17 -35.48 34.05 6.30
CA ALA D 17 -36.82 34.37 5.78
C ALA D 17 -37.22 33.33 4.74
N ALA D 18 -36.28 32.99 3.87
CA ALA D 18 -36.50 32.01 2.82
C ALA D 18 -36.76 30.65 3.42
N GLU D 20 -37.94 29.86 6.27
CA GLU D 20 -39.22 29.82 6.96
C GLU D 20 -40.35 29.55 5.95
N LEU D 21 -40.31 30.21 4.81
CA LEU D 21 -41.34 30.00 3.79
C LEU D 21 -41.26 28.59 3.25
N PHE D 22 -40.04 28.13 2.96
CA PHE D 22 -39.86 26.77 2.45
C PHE D 22 -40.50 25.76 3.38
N ARG D 23 -40.22 25.89 4.68
CA ARG D 23 -40.78 24.97 5.66
C ARG D 23 -42.29 25.09 5.88
N ASN D 24 -42.81 26.31 5.83
CA ASN D 24 -44.25 26.52 6.04
C ASN D 24 -45.14 26.33 4.81
N ARG D 25 -44.62 26.67 3.63
CA ARG D 25 -45.40 26.57 2.39
C ARG D 25 -44.83 25.62 1.34
N GLY D 26 -43.52 25.35 1.42
CA GLY D 26 -42.89 24.45 0.48
C GLY D 26 -41.88 25.15 -0.42
N PHE D 27 -40.80 24.44 -0.75
CA PHE D 27 -39.77 25.04 -1.61
C PHE D 27 -40.25 25.38 -3.02
N GLN D 28 -40.87 24.40 -3.68
CA GLN D 28 -41.33 24.63 -5.05
C GLN D 28 -42.31 25.79 -5.15
N GLU D 29 -43.24 25.84 -4.20
CA GLU D 29 -44.26 26.88 -4.17
C GLU D 29 -43.78 28.29 -3.85
N THR D 30 -42.69 28.41 -3.11
CA THR D 30 -42.16 29.72 -2.73
C THR D 30 -41.41 30.43 -3.84
N THR D 31 -41.66 31.74 -3.99
CA THR D 31 -40.98 32.50 -5.03
C THR D 31 -39.95 33.51 -4.49
N ALA D 32 -39.08 33.97 -5.39
CA ALA D 32 -38.09 34.96 -5.04
C ALA D 32 -38.81 36.22 -4.57
N THR D 33 -39.88 36.59 -5.27
CA THR D 33 -40.66 37.76 -4.90
C THR D 33 -41.17 37.64 -3.48
N GLU D 34 -41.68 36.46 -3.10
CA GLU D 34 -42.19 36.29 -1.75
C GLU D 34 -41.07 36.31 -0.73
N ILE D 35 -39.93 35.70 -1.05
CA ILE D 35 -38.82 35.70 -0.12
C ILE D 35 -38.37 37.17 0.08
N ALA D 36 -38.23 37.92 -1.02
CA ALA D 36 -37.82 39.31 -0.94
C ALA D 36 -38.77 40.11 -0.04
N LYS D 37 -40.06 39.88 -0.21
CA LYS D 37 -41.06 40.57 0.60
C LYS D 37 -40.91 40.19 2.06
N ALA D 38 -40.71 38.90 2.31
CA ALA D 38 -40.57 38.43 3.68
C ALA D 38 -39.25 38.89 4.27
N ALA D 39 -38.32 39.33 3.41
CA ALA D 39 -37.01 39.80 3.91
C ALA D 39 -36.90 41.33 3.87
N HIS D 40 -37.97 41.98 3.41
CA HIS D 40 -38.00 43.43 3.34
C HIS D 40 -36.90 44.03 2.48
N VAL D 41 -36.68 43.43 1.31
CA VAL D 41 -35.67 43.89 0.36
C VAL D 41 -36.27 43.83 -1.05
N SER D 42 -35.63 44.49 -2.00
CA SER D 42 -36.12 44.46 -3.38
C SER D 42 -35.74 43.11 -3.99
N ARG D 43 -36.37 42.74 -5.09
CA ARG D 43 -36.05 41.48 -5.75
C ARG D 43 -34.59 41.56 -6.19
N GLY D 44 -34.21 42.71 -6.73
CA GLY D 44 -32.84 42.91 -7.17
C GLY D 44 -31.84 42.64 -6.05
N THR D 45 -32.26 42.91 -4.81
CA THR D 45 -31.40 42.69 -3.65
C THR D 45 -31.29 41.22 -3.30
N PHE D 46 -32.43 40.55 -3.18
CA PHE D 46 -32.46 39.13 -2.86
C PHE D 46 -31.54 38.38 -3.82
N PHE D 47 -31.61 38.75 -5.09
CA PHE D 47 -30.81 38.10 -6.12
C PHE D 47 -29.32 38.37 -6.02
N ASN D 48 -28.94 39.46 -5.34
CA ASN D 48 -27.53 39.78 -5.17
C ASN D 48 -26.91 38.80 -4.19
N TYR D 49 -27.75 38.22 -3.33
CA TYR D 49 -27.28 37.26 -2.34
C TYR D 49 -27.53 35.82 -2.78
N TYR D 50 -28.61 35.61 -3.54
CA TYR D 50 -28.95 34.28 -4.05
C TYR D 50 -29.48 34.48 -5.46
N PRO D 51 -28.66 34.18 -6.47
CA PRO D 51 -29.02 34.33 -7.88
C PRO D 51 -30.29 33.58 -8.24
N TYR D 52 -30.57 32.51 -7.49
CA TYR D 52 -31.75 31.68 -7.74
C TYR D 52 -32.12 31.05 -6.41
N LYS D 53 -33.39 30.68 -6.23
CA LYS D 53 -33.78 30.15 -4.93
C LYS D 53 -33.09 28.86 -4.49
N GLU D 54 -32.69 28.02 -5.44
CA GLU D 54 -32.02 26.77 -5.06
C GLU D 54 -30.70 27.06 -4.34
N ALA D 55 -30.12 28.23 -4.56
CA ALA D 55 -28.88 28.60 -3.88
C ALA D 55 -29.13 28.67 -2.39
N VAL D 56 -30.36 29.00 -2.00
CA VAL D 56 -30.69 29.06 -0.58
C VAL D 56 -30.60 27.65 0.01
N LEU D 57 -31.09 26.65 -0.73
CA LEU D 57 -31.02 25.25 -0.27
C LEU D 57 -29.57 24.78 -0.20
N LEU D 58 -28.74 25.22 -1.13
CA LEU D 58 -27.35 24.81 -1.10
C LEU D 58 -26.74 25.32 0.20
N ASP D 59 -27.13 26.53 0.59
CA ASP D 59 -26.61 27.13 1.81
C ASP D 59 -26.97 26.26 3.00
N TYR D 60 -28.22 25.80 3.03
CA TYR D 60 -28.68 24.94 4.11
C TYR D 60 -27.93 23.60 4.14
N GLY D 61 -27.73 23.01 2.97
CA GLY D 61 -27.00 21.74 2.91
C GLY D 61 -25.57 21.98 3.42
N SER D 62 -24.98 23.10 3.02
CA SER D 62 -23.63 23.44 3.46
C SER D 62 -23.55 23.46 4.97
N GLN D 63 -24.55 24.07 5.60
CA GLN D 63 -24.61 24.17 7.06
C GLN D 63 -24.76 22.81 7.69
N LEU D 64 -25.65 21.99 7.14
CA LEU D 64 -25.87 20.66 7.68
C LEU D 64 -24.56 19.88 7.64
N LEU D 65 -23.87 19.99 6.50
CA LEU D 65 -22.61 19.28 6.31
C LEU D 65 -21.56 19.84 7.25
N ALA D 66 -21.58 21.16 7.46
CA ALA D 66 -20.61 21.81 8.34
C ALA D 66 -20.77 21.20 9.73
N GLY D 67 -22.01 20.99 10.13
CA GLY D 67 -22.29 20.39 11.42
C GLY D 67 -21.78 18.96 11.48
N LEU D 68 -21.98 18.20 10.40
CA LEU D 68 -21.50 16.82 10.40
C LEU D 68 -19.98 16.78 10.51
N ARG D 69 -19.33 17.69 9.81
CA ARG D 69 -17.88 17.78 9.80
C ARG D 69 -17.37 18.02 11.23
N GLU D 70 -18.03 18.95 11.93
CA GLU D 70 -17.69 19.29 13.30
C GLU D 70 -17.71 18.05 14.17
N GLU D 71 -18.81 17.32 14.09
CA GLU D 71 -18.99 16.10 14.88
C GLU D 71 -17.95 15.02 14.55
N VAL D 72 -17.65 14.85 13.27
CA VAL D 72 -16.67 13.85 12.83
C VAL D 72 -15.29 14.15 13.40
N ARG D 73 -14.81 15.37 13.16
CA ARG D 73 -13.50 15.77 13.64
C ARG D 73 -13.39 15.63 15.14
N ARG D 74 -14.49 15.88 15.84
CA ARG D 74 -14.51 15.77 17.29
C ARG D 74 -14.31 14.30 17.69
N LEU D 75 -15.09 13.41 17.07
CA LEU D 75 -15.01 11.99 17.35
C LEU D 75 -13.60 11.47 17.11
N LEU D 76 -13.02 11.90 16.00
CA LEU D 76 -11.68 11.47 15.65
C LEU D 76 -10.68 11.96 16.71
N ALA D 77 -10.80 13.21 17.12
CA ALA D 77 -9.91 13.78 18.13
C ALA D 77 -10.07 13.11 19.49
N GLN D 78 -11.24 12.54 19.75
CA GLN D 78 -11.48 11.86 21.01
C GLN D 78 -10.88 10.46 20.97
N GLY D 79 -10.40 10.07 19.79
CA GLY D 79 -9.80 8.75 19.63
C GLY D 79 -10.66 7.62 19.11
N ARG D 80 -11.80 7.91 18.50
CA ARG D 80 -12.64 6.82 17.98
C ARG D 80 -12.03 6.28 16.69
N GLU D 81 -12.22 4.98 16.46
CA GLU D 81 -11.70 4.30 15.27
C GLU D 81 -12.33 4.87 14.00
N PRO D 82 -11.51 5.26 13.02
CA PRO D 82 -11.99 5.83 11.74
C PRO D 82 -13.15 5.05 11.12
N VAL D 83 -13.05 3.72 11.07
CA VAL D 83 -14.13 2.94 10.48
C VAL D 83 -15.44 3.13 11.26
N GLU D 84 -15.34 3.17 12.59
CA GLU D 84 -16.52 3.38 13.41
C GLU D 84 -17.10 4.78 13.15
N VAL D 85 -16.22 5.77 12.97
CA VAL D 85 -16.67 7.13 12.70
C VAL D 85 -17.37 7.18 11.33
N LEU D 86 -16.89 6.38 10.39
CA LEU D 86 -17.48 6.31 9.05
C LEU D 86 -18.90 5.72 9.15
N ARG D 87 -19.05 4.63 9.91
CA ARG D 87 -20.35 4.01 10.07
C ARG D 87 -21.30 4.99 10.76
N HIS D 88 -20.76 5.74 11.71
CA HIS D 88 -21.55 6.74 12.44
C HIS D 88 -22.00 7.82 11.46
N LEU D 89 -21.09 8.26 10.61
CA LEU D 89 -21.40 9.30 9.65
C LEU D 89 -22.61 8.93 8.81
N PHE D 90 -22.64 7.71 8.30
CA PHE D 90 -23.78 7.34 7.46
C PHE D 90 -25.08 7.09 8.22
N ARG D 91 -24.99 6.68 9.49
CA ARG D 91 -26.22 6.47 10.23
C ARG D 91 -26.83 7.86 10.45
N VAL D 92 -25.99 8.83 10.77
CA VAL D 92 -26.44 10.19 10.99
C VAL D 92 -26.95 10.80 9.68
N LEU D 93 -26.25 10.55 8.59
CA LEU D 93 -26.66 11.06 7.29
C LEU D 93 -28.03 10.51 6.91
N ALA D 94 -28.24 9.22 7.15
CA ALA D 94 -29.51 8.61 6.83
C ALA D 94 -30.62 9.27 7.66
N GLU D 95 -30.34 9.48 8.95
CA GLU D 95 -31.32 10.07 9.85
C GLU D 95 -31.67 11.50 9.47
N GLY D 96 -30.66 12.30 9.16
CA GLY D 96 -30.88 13.66 8.75
C GLY D 96 -31.55 13.75 7.39
N THR D 97 -31.25 12.79 6.51
CA THR D 97 -31.86 12.76 5.18
C THR D 97 -33.36 12.56 5.34
N ALA D 98 -33.74 11.63 6.19
CA ALA D 98 -35.17 11.36 6.44
C ALA D 98 -35.82 12.58 7.07
N ARG D 99 -35.13 13.18 8.04
CA ARG D 99 -35.64 14.35 8.76
C ARG D 99 -35.91 15.56 7.88
N GLU D 100 -35.02 15.84 6.92
CA GLU D 100 -35.18 17.00 6.06
C GLU D 100 -35.49 16.62 4.59
N LYS D 101 -36.11 15.46 4.39
CA LYS D 101 -36.43 14.97 3.04
C LYS D 101 -37.08 15.99 2.11
N ASP D 102 -38.04 16.75 2.62
CA ASP D 102 -38.76 17.76 1.83
C ASP D 102 -37.87 18.87 1.25
N LEU D 103 -36.80 19.23 1.95
CA LEU D 103 -35.93 20.29 1.45
C LEU D 103 -34.73 19.70 0.70
N LEU D 104 -34.24 18.56 1.16
CA LEU D 104 -33.11 17.93 0.52
C LEU D 104 -33.41 17.43 -0.91
N LEU D 105 -34.64 16.96 -1.14
CA LEU D 105 -34.99 16.43 -2.47
C LEU D 105 -34.73 17.46 -3.58
N PRO D 106 -35.29 18.68 -3.46
CA PRO D 106 -35.04 19.68 -4.51
C PRO D 106 -33.55 20.00 -4.60
N PHE D 108 -31.10 17.88 -4.02
CA PHE D 108 -30.45 16.78 -4.73
C PHE D 108 -30.57 16.98 -6.25
N TYR D 109 -31.74 17.38 -6.74
CA TYR D 109 -31.88 17.56 -8.18
C TYR D 109 -30.98 18.68 -8.71
N GLU D 110 -30.61 19.63 -7.86
CA GLU D 110 -29.75 20.71 -8.33
C GLU D 110 -28.38 20.11 -8.69
N LEU D 111 -28.02 19.01 -8.05
CA LEU D 111 -26.77 18.36 -8.38
C LEU D 111 -26.81 17.76 -9.80
N LEU D 112 -28.00 17.63 -10.36
CA LEU D 112 -28.16 17.11 -11.72
C LEU D 112 -28.64 18.21 -12.67
N ASN D 113 -28.48 19.47 -12.27
CA ASN D 113 -28.93 20.55 -13.13
C ASN D 113 -28.23 20.47 -14.49
N PRO D 114 -29.00 20.54 -15.59
CA PRO D 114 -28.45 20.47 -16.94
C PRO D 114 -27.37 21.53 -17.19
N ASP D 115 -27.48 22.65 -16.47
CA ASP D 115 -26.53 23.75 -16.58
C ASP D 115 -25.28 23.41 -15.78
N PRO D 116 -24.17 23.05 -16.47
CA PRO D 116 -22.92 22.69 -15.80
C PRO D 116 -22.51 23.68 -14.71
N VAL D 117 -22.72 24.97 -14.95
CA VAL D 117 -22.35 25.98 -13.98
C VAL D 117 -23.13 25.80 -12.68
N ARG D 118 -24.42 25.51 -12.79
CA ARG D 118 -25.19 25.30 -11.58
C ARG D 118 -24.88 23.96 -10.90
N ALA D 119 -24.67 22.92 -11.71
CA ALA D 119 -24.37 21.60 -11.16
C ALA D 119 -23.05 21.67 -10.40
N ARG D 120 -22.08 22.38 -10.96
CA ARG D 120 -20.78 22.53 -10.30
C ARG D 120 -20.90 23.33 -9.01
N ALA D 121 -21.72 24.36 -9.01
CA ALA D 121 -21.87 25.14 -7.79
C ALA D 121 -22.53 24.28 -6.71
N ALA D 122 -23.48 23.44 -7.10
CA ALA D 122 -24.14 22.60 -6.11
C ALA D 122 -23.13 21.60 -5.55
N PHE D 123 -22.33 21.01 -6.42
CA PHE D 123 -21.33 20.03 -5.97
C PHE D 123 -20.35 20.68 -4.99
N GLU D 124 -19.88 21.86 -5.36
CA GLU D 124 -18.93 22.60 -4.54
C GLU D 124 -19.53 23.02 -3.19
N ALA D 125 -20.84 23.23 -3.17
CA ALA D 125 -21.49 23.64 -1.93
C ALA D 125 -21.72 22.48 -0.95
N LEU D 126 -21.64 21.24 -1.45
CA LEU D 126 -21.89 20.07 -0.61
C LEU D 126 -20.74 19.06 -0.63
N PRO D 127 -19.60 19.41 -0.03
CA PRO D 127 -18.40 18.57 0.04
C PRO D 127 -18.44 17.32 0.93
N LEU D 128 -19.37 16.41 0.70
CA LEU D 128 -19.42 15.19 1.51
C LEU D 128 -18.21 14.33 1.20
N GLY D 129 -17.86 14.27 -0.08
CA GLY D 129 -16.71 13.47 -0.47
C GLY D 129 -15.44 13.83 0.29
N ASP D 130 -15.19 15.12 0.43
CA ASP D 130 -13.99 15.57 1.16
C ASP D 130 -14.05 15.27 2.66
N LEU D 131 -15.25 15.28 3.24
CA LEU D 131 -15.38 14.94 4.66
C LEU D 131 -15.00 13.47 4.82
N ILE D 132 -15.49 12.64 3.91
CA ILE D 132 -15.18 11.22 3.95
C ILE D 132 -13.67 11.04 3.80
N ALA D 133 -13.07 11.76 2.86
CA ALA D 133 -11.64 11.68 2.64
C ALA D 133 -10.85 12.03 3.91
N GLU D 134 -11.39 12.94 4.71
CA GLU D 134 -10.73 13.31 5.96
C GLU D 134 -10.72 12.15 6.94
N ILE D 135 -11.81 11.37 6.95
CA ILE D 135 -11.88 10.22 7.84
C ILE D 135 -10.97 9.11 7.35
N LEU D 136 -10.75 9.07 6.03
CA LEU D 136 -9.89 8.04 5.45
C LEU D 136 -8.40 8.32 5.74
N LYS D 137 -8.08 9.58 5.98
CA LYS D 137 -6.70 9.97 6.23
C LYS D 137 -5.97 9.09 7.26
N PRO D 138 -6.54 8.92 8.46
CA PRO D 138 -5.81 8.06 9.40
C PRO D 138 -5.69 6.60 8.97
N LEU D 139 -6.64 6.11 8.16
CA LEU D 139 -6.56 4.73 7.69
C LEU D 139 -5.37 4.66 6.74
N ARG D 140 -5.22 5.69 5.93
CA ARG D 140 -4.09 5.80 5.01
C ARG D 140 -2.78 5.81 5.82
N GLU D 141 -2.71 6.64 6.85
CA GLU D 141 -1.51 6.71 7.68
C GLU D 141 -1.22 5.36 8.33
N GLN D 142 -2.28 4.62 8.61
CA GLN D 142 -2.20 3.31 9.23
C GLN D 142 -1.71 2.25 8.22
N GLY D 143 -1.74 2.59 6.94
CA GLY D 143 -1.31 1.65 5.91
C GLY D 143 -2.33 0.59 5.51
N VAL D 144 -3.61 0.79 5.80
CA VAL D 144 -4.64 -0.21 5.46
C VAL D 144 -5.37 0.03 4.13
N LEU D 145 -5.09 1.16 3.48
CA LEU D 145 -5.73 1.50 2.21
C LEU D 145 -4.86 1.29 0.98
N ARG D 146 -5.51 0.97 -0.14
CA ARG D 146 -4.81 0.77 -1.40
C ARG D 146 -4.16 2.09 -1.78
N GLN D 147 -3.04 2.00 -2.47
CA GLN D 147 -2.25 3.15 -2.86
C GLN D 147 -2.49 3.72 -4.24
N ASP D 148 -3.24 3.02 -5.08
CA ASP D 148 -3.50 3.49 -6.44
C ASP D 148 -4.74 4.40 -6.60
N PHE D 149 -5.37 4.76 -5.49
CA PHE D 149 -6.53 5.67 -5.51
C PHE D 149 -6.23 6.79 -4.51
N SER D 150 -6.59 8.02 -4.88
CA SER D 150 -6.38 9.16 -4.00
C SER D 150 -7.48 9.09 -2.94
N LEU D 151 -7.24 9.69 -1.77
CA LEU D 151 -8.27 9.67 -0.74
C LEU D 151 -9.48 10.42 -1.26
N GLU D 152 -9.23 11.45 -2.06
CA GLU D 152 -10.31 12.26 -2.61
C GLU D 152 -11.23 11.44 -3.52
N ARG D 153 -10.64 10.58 -4.34
CA ARG D 153 -11.43 9.78 -5.26
C ARG D 153 -12.28 8.80 -4.48
N GLY D 155 -13.32 9.00 -1.39
CA GLY D 155 -14.39 9.70 -0.68
C GLY D 155 -15.48 10.14 -1.64
N ARG D 156 -15.10 10.67 -2.81
CA ARG D 156 -16.10 11.12 -3.78
C ARG D 156 -16.99 9.96 -4.23
N THR D 157 -16.41 8.79 -4.46
CA THR D 157 -17.20 7.63 -4.87
C THR D 157 -18.21 7.22 -3.78
N LEU D 158 -17.78 7.18 -2.52
CA LEU D 158 -18.72 6.78 -1.47
C LEU D 158 -19.82 7.82 -1.33
N ALA D 159 -19.46 9.08 -1.54
CA ALA D 159 -20.44 10.16 -1.46
C ALA D 159 -21.41 10.11 -2.65
N ASP D 160 -20.90 9.69 -3.82
CA ASP D 160 -21.74 9.57 -5.01
C ASP D 160 -22.78 8.47 -4.79
N LEU D 161 -22.37 7.39 -4.11
CA LEU D 161 -23.28 6.29 -3.82
C LEU D 161 -24.28 6.76 -2.77
N TYR D 162 -23.84 7.67 -1.90
CA TYR D 162 -24.76 8.19 -0.89
C TYR D 162 -25.83 9.00 -1.62
N PHE D 163 -25.38 9.88 -2.50
CA PHE D 163 -26.30 10.72 -3.27
C PHE D 163 -27.34 9.87 -4.02
N LEU D 164 -26.90 8.85 -4.73
CA LEU D 164 -27.87 8.07 -5.49
C LEU D 164 -28.82 7.30 -4.59
N SER D 165 -28.32 6.74 -3.50
CA SER D 165 -29.19 5.99 -2.60
C SER D 165 -30.21 6.90 -1.93
N ALA D 166 -29.76 8.08 -1.52
CA ALA D 166 -30.62 9.04 -0.83
C ALA D 166 -31.67 9.62 -1.75
N LEU D 167 -31.28 9.95 -2.97
CA LEU D 167 -32.23 10.50 -3.95
C LEU D 167 -33.29 9.46 -4.30
N ARG D 168 -32.86 8.24 -4.59
CA ARG D 168 -33.83 7.18 -4.93
C ARG D 168 -34.75 6.90 -3.73
N TRP D 169 -34.18 6.88 -2.54
CA TRP D 169 -34.97 6.63 -1.34
C TRP D 169 -36.03 7.75 -1.17
N ALA D 170 -35.59 9.00 -1.27
CA ALA D 170 -36.50 10.12 -1.11
C ALA D 170 -37.55 10.24 -2.20
N ALA D 171 -37.13 10.02 -3.44
CA ALA D 171 -38.03 10.15 -4.58
C ALA D 171 -38.93 8.96 -4.87
N TYR D 172 -38.44 7.76 -4.56
CA TYR D 172 -39.17 6.55 -4.92
C TYR D 172 -39.52 5.54 -3.84
N THR D 173 -38.64 5.30 -2.87
CA THR D 173 -38.93 4.29 -1.85
C THR D 173 -38.65 4.87 -0.47
N PRO D 174 -39.37 5.93 -0.08
CA PRO D 174 -39.14 6.54 1.23
C PRO D 174 -39.59 5.72 2.43
N GLY D 175 -40.24 4.59 2.16
CA GLY D 175 -40.66 3.72 3.25
C GLY D 175 -39.58 2.71 3.61
N ARG D 176 -38.51 2.64 2.84
CA ARG D 176 -37.45 1.68 3.13
C ARG D 176 -36.45 2.22 4.13
N ASP D 177 -35.53 1.37 4.59
CA ASP D 177 -34.51 1.75 5.58
C ASP D 177 -33.27 2.30 4.86
N LEU D 178 -33.14 3.62 4.82
CA LEU D 178 -32.00 4.25 4.15
C LEU D 178 -30.69 3.94 4.86
N ALA D 179 -30.71 3.79 6.19
CA ALA D 179 -29.46 3.49 6.90
C ALA D 179 -28.92 2.13 6.48
N GLU D 180 -29.79 1.16 6.22
CA GLU D 180 -29.34 -0.17 5.77
C GLU D 180 -28.69 -0.09 4.40
N GLU D 181 -29.25 0.74 3.52
CA GLU D 181 -28.69 0.94 2.18
C GLU D 181 -27.30 1.55 2.30
N LEU D 182 -27.16 2.58 3.12
CA LEU D 182 -25.87 3.25 3.25
C LEU D 182 -24.83 2.36 3.91
N GLU D 183 -25.25 1.50 4.84
CA GLU D 183 -24.30 0.60 5.48
C GLU D 183 -23.79 -0.41 4.44
N LYS D 184 -24.67 -0.82 3.53
CA LYS D 184 -24.27 -1.75 2.47
C LYS D 184 -23.28 -1.09 1.50
N ASN D 185 -23.55 0.16 1.12
CA ASN D 185 -22.64 0.87 0.22
C ASN D 185 -21.25 0.95 0.85
N LEU D 186 -21.22 1.32 2.12
CA LEU D 186 -19.96 1.44 2.85
C LEU D 186 -19.23 0.11 2.94
N ARG D 187 -19.93 -0.94 3.36
CA ARG D 187 -19.29 -2.25 3.49
C ARG D 187 -18.69 -2.75 2.18
N LEU D 188 -19.45 -2.64 1.10
CA LEU D 188 -18.99 -3.10 -0.21
C LEU D 188 -17.80 -2.31 -0.74
N LEU D 189 -17.88 -0.99 -0.67
CA LEU D 189 -16.80 -0.15 -1.18
C LEU D 189 -15.53 -0.23 -0.33
N LEU D 190 -15.71 -0.29 0.98
CA LEU D 190 -14.55 -0.38 1.87
C LEU D 190 -13.84 -1.73 1.73
N GLU D 191 -14.59 -2.82 1.80
CA GLU D 191 -14.03 -4.17 1.73
C GLU D 191 -13.93 -4.78 0.35
N GLY D 192 -14.81 -4.38 -0.56
CA GLY D 192 -14.78 -4.94 -1.89
C GLY D 192 -15.68 -6.16 -1.97
N LEU D 194 -14.72 -9.01 -3.54
CA LEU D 194 -13.88 -10.19 -3.45
C LEU D 194 -13.60 -10.55 -1.98
N VAL D 195 -13.51 -11.83 -1.68
CA VAL D 195 -13.28 -12.28 -0.29
C VAL D 195 -11.92 -11.87 0.24
N ARG D 196 -11.84 -11.75 1.56
CA ARG D 196 -10.59 -11.41 2.26
C ARG D 196 -10.35 -12.62 3.16
N GLU D 197 -9.64 -13.60 2.62
CA GLU D 197 -9.36 -14.84 3.34
C GLU D 197 -7.87 -15.16 3.39
N ALA D 198 -7.03 -14.12 3.38
CA ALA D 198 -5.58 -14.33 3.44
C ALA D 198 -5.21 -15.00 4.76
N PRO D 199 -4.48 -16.13 4.70
CA PRO D 199 -4.08 -16.81 5.95
C PRO D 199 -3.13 -15.93 6.75
N ALA D 200 -2.37 -15.08 6.06
CA ALA D 200 -1.44 -14.19 6.75
C ALA D 200 -1.63 -12.72 6.31
N PRO D 201 -2.66 -12.05 6.86
CA PRO D 201 -2.95 -10.64 6.54
C PRO D 201 -1.92 -9.70 7.16
N GLY D 202 -1.95 -8.44 6.76
CA GLY D 202 -1.02 -7.46 7.28
C GLY D 202 -1.55 -6.85 8.57
N GLY D 203 -0.74 -6.03 9.24
CA GLY D 203 -1.18 -5.39 10.46
C GLY D 203 -0.48 -5.87 11.72
#